data_5QAG
#
_entry.id   5QAG
#
_cell.length_a   90.582
_cell.length_b   108.927
_cell.length_c   125.000
_cell.angle_alpha   90.000
_cell.angle_beta   90.000
_cell.angle_gamma   90.000
#
_symmetry.space_group_name_H-M   'P 21 21 21'
#
loop_
_entity.id
_entity.type
_entity.pdbx_description
1 polymer Beta-lactamase
2 non-polymer '3-(2-methoxycarbonylphenyl)benzoic acid'
3 non-polymer 'CHLORIDE ION'
4 non-polymer 1,2-ETHANEDIOL
5 water water
#
_entity_poly.entity_id   1
_entity_poly.type   'polypeptide(L)'
_entity_poly.pdbx_seq_one_letter_code
;KEWQENKSWNAHFTEHKSQGVVVLWNENKQQGFTNNLKRANQAFLPASTF(KCX)IPNSLIALDLGVVKDEHQVFKWDGQ
TRDIATWNRDHNLITAMKYSVVPVYQEFARQIGEARMSKMLHAFDYGNEDISGNVDSFWLDGGIRISATEQISFLRKLYH
NKLHVSERSQRIVKQAMLTEANGDYIIRAKTGYSTRIEPKIGWWVGWVELDDNVWFFAMNMDMPTSDGLGLRQAITKEVL
KQEKIIP
;
_entity_poly.pdbx_strand_id   A,B,C,D
#
loop_
_chem_comp.id
_chem_comp.type
_chem_comp.name
_chem_comp.formula
CL non-polymer 'CHLORIDE ION' 'Cl -1'
EDO non-polymer 1,2-ETHANEDIOL 'C2 H6 O2'
Q2R non-polymer '3-(2-methoxycarbonylphenyl)benzoic acid' 'C15 H12 O4'
#
# COMPACT_ATOMS: atom_id res chain seq x y z
N GLU A 2 48.41 -16.45 -17.68
CA GLU A 2 48.45 -15.32 -18.61
C GLU A 2 47.16 -14.50 -18.62
N TRP A 3 47.35 -13.18 -18.65
CA TRP A 3 46.26 -12.22 -18.70
C TRP A 3 46.54 -11.18 -19.79
N GLN A 4 45.49 -10.73 -20.45
CA GLN A 4 45.60 -9.70 -21.48
C GLN A 4 44.53 -8.64 -21.26
N GLU A 5 44.91 -7.39 -21.50
CA GLU A 5 44.03 -6.25 -21.33
C GLU A 5 43.56 -5.76 -22.69
N ASN A 6 42.26 -5.47 -22.79
CA ASN A 6 41.63 -5.09 -24.04
C ASN A 6 40.74 -3.88 -23.76
N LYS A 7 41.33 -2.68 -23.81
CA LYS A 7 40.57 -1.46 -23.52
C LYS A 7 39.53 -1.15 -24.59
N SER A 8 39.50 -1.91 -25.69
CA SER A 8 38.45 -1.69 -26.68
C SER A 8 37.06 -1.94 -26.08
N TRP A 9 36.98 -2.81 -25.08
CA TRP A 9 35.71 -3.05 -24.41
C TRP A 9 35.20 -1.82 -23.69
N ASN A 10 36.08 -0.88 -23.34
CA ASN A 10 35.63 0.33 -22.65
C ASN A 10 34.55 1.06 -23.43
N ALA A 11 34.54 0.89 -24.76
CA ALA A 11 33.51 1.54 -25.58
C ALA A 11 32.11 1.13 -25.15
N HIS A 12 31.94 -0.13 -24.74
CA HIS A 12 30.61 -0.61 -24.37
C HIS A 12 30.11 0.05 -23.08
N PHE A 13 31.01 0.38 -22.15
CA PHE A 13 30.60 1.10 -20.95
C PHE A 13 30.36 2.58 -21.24
N THR A 14 31.23 3.22 -22.02
CA THR A 14 31.10 4.65 -22.26
C THR A 14 29.88 5.00 -23.10
N GLU A 15 29.47 4.12 -24.02
CA GLU A 15 28.27 4.42 -24.80
C GLU A 15 27.05 4.63 -23.91
N HIS A 16 27.10 4.17 -22.67
CA HIS A 16 26.01 4.35 -21.71
C HIS A 16 26.43 5.26 -20.56
N LYS A 17 27.54 5.98 -20.74
CA LYS A 17 28.10 6.86 -19.72
C LYS A 17 28.21 6.15 -18.37
N SER A 18 28.72 4.93 -18.42
CA SER A 18 28.94 4.14 -17.22
C SER A 18 30.40 3.72 -17.20
N GLN A 19 30.84 3.20 -16.07
CA GLN A 19 32.18 2.68 -15.93
C GLN A 19 32.14 1.36 -15.17
N GLY A 20 33.01 0.44 -15.57
CA GLY A 20 33.07 -0.85 -14.91
C GLY A 20 34.11 -1.72 -15.56
N VAL A 21 34.05 -3.00 -15.21
CA VAL A 21 35.02 -3.99 -15.69
C VAL A 21 34.27 -5.26 -16.07
N VAL A 22 34.72 -5.87 -17.16
CA VAL A 22 34.31 -7.23 -17.54
C VAL A 22 35.57 -8.07 -17.51
N VAL A 23 35.48 -9.24 -16.86
CA VAL A 23 36.59 -10.18 -16.78
C VAL A 23 36.11 -11.49 -17.40
N LEU A 24 36.85 -12.00 -18.38
CA LEU A 24 36.55 -13.25 -19.04
C LEU A 24 37.69 -14.23 -18.80
N TRP A 25 37.33 -15.50 -18.66
CA TRP A 25 38.31 -16.57 -18.48
C TRP A 25 37.96 -17.71 -19.44
N ASN A 26 38.90 -18.03 -20.33
CA ASN A 26 38.76 -19.15 -21.25
C ASN A 26 39.27 -20.40 -20.56
N GLU A 27 38.37 -21.36 -20.29
CA GLU A 27 38.75 -22.53 -19.51
C GLU A 27 39.68 -23.45 -20.31
N ASN A 28 39.37 -23.68 -21.58
CA ASN A 28 40.21 -24.55 -22.39
C ASN A 28 41.64 -24.02 -22.45
N LYS A 29 41.79 -22.73 -22.74
CA LYS A 29 43.11 -22.13 -22.91
C LYS A 29 43.69 -21.59 -21.61
N GLN A 30 42.90 -21.52 -20.55
CA GLN A 30 43.37 -21.00 -19.26
C GLN A 30 43.97 -19.60 -19.43
N GLN A 31 43.22 -18.74 -20.11
CA GLN A 31 43.63 -17.37 -20.38
C GLN A 31 42.53 -16.43 -19.94
N GLY A 32 42.93 -15.28 -19.40
CA GLY A 32 41.99 -14.28 -18.93
C GLY A 32 42.01 -13.01 -19.74
N PHE A 33 40.91 -12.26 -19.70
CA PHE A 33 40.77 -11.04 -20.48
C PHE A 33 39.95 -10.05 -19.69
N THR A 34 40.38 -8.79 -19.69
CA THR A 34 39.64 -7.74 -18.99
C THR A 34 39.96 -6.40 -19.64
N ASN A 35 39.05 -5.46 -19.46
CA ASN A 35 39.22 -4.10 -19.94
C ASN A 35 39.96 -3.20 -18.96
N ASN A 36 40.19 -3.66 -17.73
CA ASN A 36 40.72 -2.80 -16.68
C ASN A 36 41.35 -3.71 -15.62
N LEU A 37 42.66 -3.94 -15.76
CA LEU A 37 43.35 -4.85 -14.86
C LEU A 37 43.24 -4.39 -13.41
N LYS A 38 43.25 -3.08 -13.16
CA LYS A 38 43.18 -2.61 -11.79
C LYS A 38 41.79 -2.86 -11.19
N ARG A 39 40.75 -2.40 -11.88
CA ARG A 39 39.40 -2.62 -11.36
C ARG A 39 39.06 -4.10 -11.27
N ALA A 40 39.63 -4.92 -12.16
CA ALA A 40 39.39 -6.36 -12.10
C ALA A 40 39.82 -6.95 -10.76
N ASN A 41 40.76 -6.30 -10.07
CA ASN A 41 41.25 -6.78 -8.78
C ASN A 41 40.82 -5.90 -7.61
N GLN A 42 39.96 -4.91 -7.85
CA GLN A 42 39.41 -4.12 -6.75
C GLN A 42 38.21 -4.84 -6.14
N ALA A 43 38.17 -4.86 -4.81
CA ALA A 43 37.21 -5.65 -4.06
C ALA A 43 36.00 -4.83 -3.65
N PHE A 44 34.81 -5.37 -3.89
CA PHE A 44 33.54 -4.71 -3.56
C PHE A 44 32.70 -5.62 -2.70
N LEU A 45 31.63 -5.06 -2.15
CA LEU A 45 30.60 -5.88 -1.52
C LEU A 45 30.02 -6.84 -2.54
N PRO A 46 29.87 -8.12 -2.21
CA PRO A 46 29.29 -9.05 -3.19
C PRO A 46 27.79 -8.86 -3.38
N ALA A 47 27.10 -8.27 -2.40
CA ALA A 47 25.66 -8.15 -2.44
C ALA A 47 25.03 -9.48 -2.83
N SER A 48 24.02 -9.46 -3.71
CA SER A 48 23.26 -10.66 -3.98
C SER A 48 24.02 -11.72 -4.74
N THR A 49 25.24 -11.43 -5.24
CA THR A 49 26.08 -12.51 -5.75
C THR A 49 26.48 -13.47 -4.65
N PHE A 50 26.37 -13.05 -3.39
CA PHE A 50 26.66 -13.90 -2.24
C PHE A 50 25.61 -14.99 -2.07
N KCX A 51 24.51 -14.90 -2.81
CA KCX A 51 23.47 -15.92 -2.71
CB KCX A 51 22.20 -15.44 -3.43
CG KCX A 51 21.40 -14.43 -2.60
CD KCX A 51 20.18 -13.89 -3.32
CE KCX A 51 19.38 -12.96 -2.41
NZ KCX A 51 20.03 -11.63 -2.28
C KCX A 51 23.95 -17.26 -3.26
O KCX A 51 23.34 -18.29 -2.99
CX KCX A 51 20.79 -11.35 -1.22
OQ1 KCX A 51 21.32 -10.24 -1.10
OQ2 KCX A 51 20.94 -12.21 -0.34
H KCX A 51 24.35 -14.28 -3.38
HA KCX A 51 23.24 -16.05 -1.77
HB2 KCX A 51 21.63 -16.20 -3.61
HG2 KCX A 51 21.10 -14.87 -1.78
HD2 KCX A 51 19.60 -14.64 -3.55
HE2 KCX A 51 18.50 -12.82 -2.79
N ILE A 52 25.06 -17.26 -4.01
CA ILE A 52 25.67 -18.51 -4.46
C ILE A 52 26.30 -19.24 -3.28
N PRO A 53 27.33 -18.65 -2.64
CA PRO A 53 27.91 -19.33 -1.48
C PRO A 53 26.91 -19.57 -0.38
N ASN A 54 26.00 -18.61 -0.15
CA ASN A 54 24.99 -18.78 0.89
C ASN A 54 24.11 -20.00 0.61
N SER A 55 23.69 -20.18 -0.65
CA SER A 55 22.90 -21.35 -1.00
C SER A 55 23.68 -22.63 -0.75
N LEU A 56 24.96 -22.65 -1.14
CA LEU A 56 25.79 -23.84 -0.96
C LEU A 56 25.87 -24.24 0.50
N ILE A 57 26.16 -23.28 1.38
CA ILE A 57 26.29 -23.57 2.80
C ILE A 57 24.96 -24.03 3.37
N ALA A 58 23.88 -23.33 3.02
CA ALA A 58 22.57 -23.70 3.55
C ALA A 58 22.19 -25.11 3.16
N LEU A 59 22.47 -25.50 1.91
CA LEU A 59 22.16 -26.85 1.46
C LEU A 59 23.03 -27.88 2.18
N ASP A 60 24.34 -27.63 2.26
CA ASP A 60 25.25 -28.62 2.82
C ASP A 60 25.01 -28.85 4.31
N LEU A 61 24.53 -27.84 5.02
CA LEU A 61 24.28 -27.97 6.45
C LEU A 61 22.87 -28.47 6.77
N GLY A 62 22.00 -28.60 5.77
CA GLY A 62 20.64 -29.02 5.99
C GLY A 62 19.67 -27.91 6.34
N VAL A 63 20.13 -26.65 6.35
CA VAL A 63 19.20 -25.54 6.52
C VAL A 63 18.18 -25.52 5.39
N VAL A 64 18.62 -25.88 4.19
CA VAL A 64 17.73 -26.07 3.05
C VAL A 64 17.77 -27.54 2.64
N LYS A 65 16.60 -28.15 2.56
CA LYS A 65 16.49 -29.56 2.22
C LYS A 65 16.81 -29.82 0.76
N ASP A 66 16.17 -29.09 -0.14
CA ASP A 66 16.35 -29.26 -1.58
C ASP A 66 15.75 -28.05 -2.26
N GLU A 67 15.71 -28.07 -3.59
CA GLU A 67 15.25 -26.91 -4.34
C GLU A 67 13.72 -26.77 -4.34
N HIS A 68 13.01 -27.68 -3.70
CA HIS A 68 11.55 -27.62 -3.63
C HIS A 68 11.03 -27.09 -2.30
N GLN A 69 11.84 -27.11 -1.25
CA GLN A 69 11.38 -26.64 0.05
C GLN A 69 10.84 -25.23 -0.05
N VAL A 70 9.60 -25.04 0.39
N VAL A 70 9.60 -25.03 0.37
CA VAL A 70 8.96 -23.73 0.33
CA VAL A 70 8.95 -23.72 0.32
C VAL A 70 9.36 -22.91 1.54
C VAL A 70 9.36 -22.92 1.53
N PHE A 71 9.79 -21.68 1.31
CA PHE A 71 10.09 -20.73 2.37
C PHE A 71 8.95 -19.72 2.38
N LYS A 72 8.09 -19.82 3.38
CA LYS A 72 6.87 -19.05 3.39
C LYS A 72 7.16 -17.57 3.64
N TRP A 73 6.47 -16.71 2.88
CA TRP A 73 6.51 -15.28 3.13
C TRP A 73 6.14 -14.99 4.57
N ASP A 74 6.91 -14.12 5.22
CA ASP A 74 6.69 -13.80 6.62
C ASP A 74 5.55 -12.81 6.83
N GLY A 75 4.86 -12.41 5.77
CA GLY A 75 3.72 -11.52 5.89
C GLY A 75 4.06 -10.05 5.94
N GLN A 76 5.35 -9.69 5.92
CA GLN A 76 5.77 -8.30 5.93
C GLN A 76 5.83 -7.80 4.50
N THR A 77 4.96 -6.86 4.16
CA THR A 77 4.95 -6.24 2.84
C THR A 77 6.22 -5.43 2.64
N ARG A 78 6.99 -5.78 1.62
CA ARG A 78 8.20 -5.06 1.24
C ARG A 78 8.00 -4.39 -0.11
N ASP A 79 8.89 -3.43 -0.42
CA ASP A 79 8.72 -2.60 -1.60
C ASP A 79 9.05 -3.32 -2.91
N ILE A 80 9.45 -4.58 -2.85
CA ILE A 80 9.67 -5.40 -4.05
C ILE A 80 8.58 -6.46 -4.09
N ALA A 81 7.71 -6.35 -5.10
CA ALA A 81 6.50 -7.17 -5.16
C ALA A 81 6.83 -8.67 -5.11
N THR A 82 7.79 -9.10 -5.93
N THR A 82 7.80 -9.11 -5.92
CA THR A 82 8.10 -10.53 -6.02
CA THR A 82 8.09 -10.54 -6.02
C THR A 82 8.62 -11.11 -4.71
C THR A 82 8.61 -11.11 -4.70
N TRP A 83 8.93 -10.28 -3.71
CA TRP A 83 9.37 -10.78 -2.42
C TRP A 83 8.20 -11.14 -1.50
N ASN A 84 7.00 -10.64 -1.79
CA ASN A 84 5.84 -10.84 -0.92
C ASN A 84 5.06 -12.08 -1.35
N ARG A 85 5.75 -13.21 -1.36
CA ARG A 85 5.15 -14.47 -1.76
C ARG A 85 6.04 -15.61 -1.28
N ASP A 86 5.52 -16.83 -1.40
CA ASP A 86 6.33 -18.00 -1.08
C ASP A 86 7.41 -18.20 -2.13
N HIS A 87 8.50 -18.84 -1.73
CA HIS A 87 9.62 -19.08 -2.61
C HIS A 87 10.27 -20.42 -2.27
N ASN A 88 10.88 -21.02 -3.28
CA ASN A 88 11.85 -22.07 -3.09
C ASN A 88 13.22 -21.53 -3.50
N LEU A 89 14.24 -22.39 -3.45
CA LEU A 89 15.59 -21.93 -3.75
C LEU A 89 15.67 -21.39 -5.18
N ILE A 90 14.96 -22.01 -6.11
CA ILE A 90 15.05 -21.60 -7.51
C ILE A 90 14.48 -20.20 -7.68
N THR A 91 13.27 -19.95 -7.17
CA THR A 91 12.66 -18.64 -7.34
C THR A 91 13.31 -17.59 -6.44
N ALA A 92 13.80 -17.99 -5.27
CA ALA A 92 14.48 -17.03 -4.39
C ALA A 92 15.76 -16.51 -5.03
N MET A 93 16.46 -17.34 -5.80
N MET A 93 16.47 -17.37 -5.76
CA MET A 93 17.63 -16.84 -6.50
CA MET A 93 17.63 -16.94 -6.54
C MET A 93 17.24 -16.04 -7.73
C MET A 93 17.20 -16.03 -7.68
N LYS A 94 16.23 -16.50 -8.48
CA LYS A 94 15.79 -15.78 -9.66
C LYS A 94 15.40 -14.34 -9.34
N TYR A 95 14.68 -14.14 -8.23
CA TYR A 95 14.21 -12.82 -7.85
C TYR A 95 15.05 -12.22 -6.73
N SER A 96 16.22 -12.79 -6.44
CA SER A 96 17.14 -12.26 -5.45
C SER A 96 16.41 -11.83 -4.19
N VAL A 97 15.78 -12.81 -3.55
CA VAL A 97 14.87 -12.57 -2.42
C VAL A 97 15.72 -12.49 -1.16
N VAL A 98 16.18 -11.28 -0.86
CA VAL A 98 17.06 -11.08 0.31
C VAL A 98 16.46 -11.67 1.58
N PRO A 99 15.21 -11.39 1.96
CA PRO A 99 14.74 -11.86 3.28
C PRO A 99 14.82 -13.37 3.45
N VAL A 100 14.67 -14.15 2.37
CA VAL A 100 14.82 -15.59 2.49
C VAL A 100 16.26 -15.93 2.88
N TYR A 101 17.23 -15.30 2.22
CA TYR A 101 18.63 -15.62 2.48
C TYR A 101 19.10 -15.04 3.82
N GLN A 102 18.47 -13.97 4.29
CA GLN A 102 18.78 -13.49 5.63
C GLN A 102 18.43 -14.54 6.68
N GLU A 103 17.29 -15.22 6.49
CA GLU A 103 16.94 -16.32 7.39
C GLU A 103 17.91 -17.47 7.24
N PHE A 104 18.30 -17.82 6.00
CA PHE A 104 19.36 -18.79 5.81
C PHE A 104 20.57 -18.45 6.67
N ALA A 105 21.05 -17.21 6.56
CA ALA A 105 22.27 -16.81 7.25
C ALA A 105 22.11 -16.92 8.76
N ARG A 106 20.94 -16.52 9.29
CA ARG A 106 20.72 -16.60 10.72
C ARG A 106 20.76 -18.03 11.21
N GLN A 107 20.20 -18.97 10.44
CA GLN A 107 20.23 -20.37 10.83
C GLN A 107 21.59 -21.00 10.60
N ILE A 108 22.35 -20.50 9.62
CA ILE A 108 23.74 -20.94 9.46
C ILE A 108 24.56 -20.53 10.67
N GLY A 109 24.43 -19.27 11.07
CA GLY A 109 25.18 -18.74 12.20
C GLY A 109 26.56 -18.25 11.80
N GLU A 110 27.09 -17.33 12.61
CA GLU A 110 28.37 -16.70 12.30
C GLU A 110 29.49 -17.72 12.24
N ALA A 111 29.54 -18.63 13.22
CA ALA A 111 30.68 -19.54 13.33
C ALA A 111 30.83 -20.41 12.09
N ARG A 112 29.74 -21.06 11.67
CA ARG A 112 29.83 -21.93 10.50
C ARG A 112 29.97 -21.14 9.21
N MET A 113 29.29 -20.00 9.10
CA MET A 113 29.44 -19.16 7.92
C MET A 113 30.90 -18.77 7.71
N SER A 114 31.57 -18.32 8.78
CA SER A 114 32.95 -17.88 8.64
C SER A 114 33.85 -19.02 8.22
N LYS A 115 33.71 -20.17 8.88
CA LYS A 115 34.55 -21.33 8.58
C LYS A 115 34.33 -21.83 7.16
N MET A 116 33.12 -21.66 6.62
CA MET A 116 32.83 -22.15 5.28
C MET A 116 33.36 -21.20 4.21
N LEU A 117 33.30 -19.89 4.46
CA LEU A 117 33.84 -18.95 3.47
C LEU A 117 35.36 -19.05 3.38
N HIS A 118 36.03 -19.40 4.47
CA HIS A 118 37.46 -19.65 4.41
C HIS A 118 37.75 -20.92 3.62
N ALA A 119 36.99 -21.98 3.86
CA ALA A 119 37.15 -23.20 3.07
C ALA A 119 36.93 -22.93 1.60
N PHE A 120 36.04 -22.00 1.26
CA PHE A 120 35.83 -21.59 -0.12
C PHE A 120 36.91 -20.64 -0.62
N ASP A 121 37.73 -20.08 0.26
CA ASP A 121 38.67 -19.03 -0.10
C ASP A 121 37.94 -17.87 -0.76
N TYR A 122 36.78 -17.50 -0.21
CA TYR A 122 35.85 -16.59 -0.86
C TYR A 122 36.21 -15.15 -0.47
N GLY A 123 36.67 -14.37 -1.44
CA GLY A 123 36.97 -12.97 -1.22
C GLY A 123 37.92 -12.80 -0.06
N ASN A 124 37.65 -11.78 0.76
CA ASN A 124 38.46 -11.54 1.94
C ASN A 124 37.99 -12.35 3.14
N GLU A 125 36.96 -13.18 2.97
CA GLU A 125 36.55 -14.15 3.97
C GLU A 125 36.14 -13.51 5.29
N ASP A 126 35.71 -12.25 5.24
CA ASP A 126 35.42 -11.47 6.44
C ASP A 126 33.91 -11.28 6.54
N ILE A 127 33.30 -11.91 7.54
CA ILE A 127 31.86 -11.80 7.75
C ILE A 127 31.53 -10.73 8.79
N SER A 128 32.48 -9.85 9.11
CA SER A 128 32.23 -8.82 10.10
C SER A 128 30.99 -8.02 9.73
N GLY A 129 30.19 -7.70 10.73
CA GLY A 129 28.89 -7.09 10.57
C GLY A 129 27.81 -7.97 11.15
N ASN A 130 26.58 -7.64 10.81
CA ASN A 130 25.44 -8.47 11.23
C ASN A 130 25.36 -9.71 10.35
N VAL A 131 25.16 -10.86 10.99
CA VAL A 131 25.13 -12.14 10.27
C VAL A 131 24.06 -12.15 9.18
N ASP A 132 23.03 -11.33 9.29
CA ASP A 132 21.93 -11.34 8.33
C ASP A 132 22.01 -10.19 7.34
N SER A 133 23.14 -9.51 7.23
CA SER A 133 23.28 -8.47 6.21
C SER A 133 24.73 -8.14 5.88
N PHE A 134 25.69 -8.90 6.38
CA PHE A 134 27.08 -8.51 6.22
C PHE A 134 27.47 -8.44 4.74
N TRP A 135 26.84 -9.24 3.89
CA TRP A 135 27.13 -9.17 2.46
C TRP A 135 26.49 -7.96 1.79
N LEU A 136 25.69 -7.19 2.53
CA LEU A 136 25.10 -5.96 2.03
C LEU A 136 25.70 -4.69 2.64
N ASP A 137 26.11 -4.74 3.91
CA ASP A 137 26.72 -3.56 4.54
C ASP A 137 27.75 -3.95 5.60
N GLY A 138 28.31 -5.15 5.54
CA GLY A 138 29.34 -5.59 6.45
C GLY A 138 30.72 -5.45 5.85
N GLY A 139 31.64 -6.28 6.32
CA GLY A 139 33.03 -6.18 5.95
C GLY A 139 33.48 -7.07 4.82
N ILE A 140 32.62 -7.95 4.30
CA ILE A 140 33.04 -8.89 3.28
C ILE A 140 33.26 -8.16 1.96
N ARG A 141 34.31 -8.54 1.25
CA ARG A 141 34.68 -7.94 -0.02
C ARG A 141 35.20 -9.01 -0.96
N ILE A 142 34.94 -8.83 -2.25
CA ILE A 142 35.42 -9.77 -3.27
C ILE A 142 35.61 -9.01 -4.58
N SER A 143 36.63 -9.39 -5.34
CA SER A 143 36.93 -8.80 -6.63
C SER A 143 36.36 -9.63 -7.76
N ALA A 144 36.32 -9.03 -8.94
CA ALA A 144 35.83 -9.73 -10.13
C ALA A 144 36.68 -10.98 -10.40
N THR A 145 38.01 -10.83 -10.36
CA THR A 145 38.88 -11.98 -10.57
C THR A 145 38.68 -13.04 -9.49
N GLU A 146 38.42 -12.62 -8.25
CA GLU A 146 38.14 -13.56 -7.19
C GLU A 146 36.80 -14.27 -7.40
N GLN A 147 35.83 -13.58 -7.99
CA GLN A 147 34.56 -14.24 -8.34
C GLN A 147 34.80 -15.40 -9.30
N ILE A 148 35.59 -15.16 -10.35
CA ILE A 148 35.85 -16.21 -11.34
C ILE A 148 36.53 -17.40 -10.67
N SER A 149 37.53 -17.14 -9.81
N SER A 149 37.54 -17.14 -9.82
CA SER A 149 38.20 -18.24 -9.14
CA SER A 149 38.22 -18.22 -9.11
C SER A 149 37.24 -19.09 -8.32
C SER A 149 37.22 -19.07 -8.34
N PHE A 150 36.27 -18.43 -7.65
CA PHE A 150 35.28 -19.17 -6.89
C PHE A 150 34.33 -19.93 -7.81
N LEU A 151 33.86 -19.28 -8.89
CA LEU A 151 32.93 -19.91 -9.80
C LEU A 151 33.57 -21.11 -10.50
N ARG A 152 34.85 -20.99 -10.86
CA ARG A 152 35.53 -22.10 -11.51
C ARG A 152 35.54 -23.34 -10.62
N LYS A 153 35.83 -23.17 -9.34
CA LYS A 153 35.76 -24.30 -8.41
C LYS A 153 34.36 -24.89 -8.37
N LEU A 154 33.34 -24.03 -8.31
CA LEU A 154 31.96 -24.51 -8.29
C LEU A 154 31.66 -25.33 -9.55
N TYR A 155 32.08 -24.82 -10.71
CA TYR A 155 31.83 -25.54 -11.95
C TYR A 155 32.40 -26.94 -11.91
N HIS A 156 33.61 -27.09 -11.36
CA HIS A 156 34.28 -28.38 -11.32
C HIS A 156 33.93 -29.21 -10.09
N ASN A 157 32.96 -28.77 -9.29
CA ASN A 157 32.57 -29.48 -8.08
C ASN A 157 33.72 -29.64 -7.10
N LYS A 158 34.63 -28.66 -7.08
CA LYS A 158 35.82 -28.75 -6.25
C LYS A 158 35.72 -27.94 -4.95
N LEU A 159 34.60 -27.26 -4.72
CA LEU A 159 34.41 -26.60 -3.44
C LEU A 159 34.24 -27.64 -2.35
N HIS A 160 34.52 -27.23 -1.11
CA HIS A 160 34.50 -28.16 0.02
C HIS A 160 33.08 -28.29 0.59
N VAL A 161 32.19 -28.71 -0.30
CA VAL A 161 30.85 -29.15 0.04
C VAL A 161 30.52 -30.33 -0.88
N SER A 162 29.41 -31.00 -0.60
CA SER A 162 29.08 -32.20 -1.35
C SER A 162 28.80 -31.84 -2.81
N GLU A 163 28.97 -32.85 -3.68
CA GLU A 163 28.63 -32.68 -5.08
C GLU A 163 27.17 -32.29 -5.25
N ARG A 164 26.29 -32.88 -4.46
CA ARG A 164 24.86 -32.58 -4.56
C ARG A 164 24.59 -31.10 -4.36
N SER A 165 25.15 -30.51 -3.30
CA SER A 165 24.91 -29.10 -3.03
C SER A 165 25.35 -28.22 -4.19
N GLN A 166 26.47 -28.58 -4.83
CA GLN A 166 26.97 -27.78 -5.94
C GLN A 166 26.11 -27.95 -7.18
N ARG A 167 25.65 -29.18 -7.45
CA ARG A 167 24.76 -29.39 -8.58
C ARG A 167 23.46 -28.61 -8.40
N ILE A 168 22.93 -28.60 -7.18
CA ILE A 168 21.65 -27.92 -6.93
C ILE A 168 21.81 -26.41 -7.14
N VAL A 169 22.88 -25.83 -6.61
CA VAL A 169 23.09 -24.39 -6.76
C VAL A 169 23.31 -24.04 -8.23
N LYS A 170 24.05 -24.88 -8.95
CA LYS A 170 24.27 -24.61 -10.38
C LYS A 170 22.95 -24.66 -11.14
N GLN A 171 22.07 -25.59 -10.76
CA GLN A 171 20.71 -25.59 -11.31
C GLN A 171 20.01 -24.27 -11.01
N ALA A 172 20.05 -23.84 -9.74
CA ALA A 172 19.39 -22.61 -9.36
C ALA A 172 19.99 -21.39 -10.06
N MET A 173 21.24 -21.48 -10.51
CA MET A 173 21.86 -20.38 -11.23
C MET A 173 21.42 -20.28 -12.69
N LEU A 174 20.72 -21.30 -13.21
CA LEU A 174 20.32 -21.30 -14.61
C LEU A 174 19.57 -20.01 -14.95
N THR A 175 20.08 -19.30 -15.95
CA THR A 175 19.56 -17.99 -16.33
C THR A 175 19.04 -17.96 -17.76
N GLU A 176 19.74 -18.58 -18.70
CA GLU A 176 19.34 -18.57 -20.09
C GLU A 176 19.91 -19.80 -20.78
N ALA A 177 19.13 -20.38 -21.69
CA ALA A 177 19.56 -21.55 -22.43
C ALA A 177 18.84 -21.56 -23.77
N ASN A 178 19.60 -21.80 -24.83
CA ASN A 178 19.06 -21.95 -26.18
C ASN A 178 19.94 -22.95 -26.92
N GLY A 179 19.73 -23.06 -28.23
CA GLY A 179 20.52 -23.98 -29.02
C GLY A 179 21.99 -23.65 -29.11
N ASP A 180 22.38 -22.44 -28.71
CA ASP A 180 23.76 -21.98 -28.85
C ASP A 180 24.55 -21.93 -27.56
N TYR A 181 23.92 -21.62 -26.43
CA TYR A 181 24.68 -21.51 -25.19
C TYR A 181 23.76 -21.68 -23.98
N ILE A 182 24.39 -21.91 -22.84
CA ILE A 182 23.75 -21.95 -21.54
C ILE A 182 24.47 -20.95 -20.65
N ILE A 183 23.70 -20.12 -19.94
CA ILE A 183 24.27 -19.17 -18.98
C ILE A 183 23.77 -19.51 -17.58
N ARG A 184 24.70 -19.71 -16.66
CA ARG A 184 24.40 -19.82 -15.24
C ARG A 184 25.10 -18.67 -14.53
N ALA A 185 24.35 -17.88 -13.78
CA ALA A 185 24.89 -16.62 -13.27
C ALA A 185 24.03 -16.12 -12.13
N LYS A 186 24.52 -15.07 -11.47
CA LYS A 186 23.78 -14.39 -10.42
C LYS A 186 24.05 -12.89 -10.53
N THR A 187 22.99 -12.10 -10.41
CA THR A 187 23.11 -10.65 -10.41
C THR A 187 23.36 -10.14 -9.00
N GLY A 188 23.85 -8.92 -8.93
CA GLY A 188 24.07 -8.27 -7.64
C GLY A 188 23.86 -6.78 -7.77
N TYR A 189 23.40 -6.16 -6.68
CA TYR A 189 23.16 -4.73 -6.64
C TYR A 189 23.55 -4.23 -5.25
N SER A 190 24.70 -3.56 -5.16
CA SER A 190 25.23 -3.06 -3.90
C SER A 190 24.96 -1.57 -3.80
N THR A 191 24.14 -1.17 -2.82
CA THR A 191 23.75 0.22 -2.65
C THR A 191 24.07 0.79 -1.27
N ARG A 192 24.37 -0.05 -0.27
CA ARG A 192 24.48 0.41 1.10
C ARG A 192 25.82 1.05 1.42
N ILE A 193 26.86 0.76 0.64
CA ILE A 193 28.18 1.34 0.85
C ILE A 193 28.71 1.80 -0.50
N GLU A 194 29.28 3.01 -0.52
CA GLU A 194 29.79 3.56 -1.76
C GLU A 194 31.07 2.82 -2.18
N PRO A 195 31.31 2.68 -3.49
CA PRO A 195 30.44 3.13 -4.59
C PRO A 195 29.32 2.15 -4.89
N LYS A 196 28.14 2.66 -5.27
CA LYS A 196 27.04 1.80 -5.64
C LYS A 196 27.35 1.11 -6.96
N ILE A 197 27.27 -0.22 -6.98
CA ILE A 197 27.63 -1.01 -8.15
C ILE A 197 26.60 -2.11 -8.40
N GLY A 198 26.59 -2.59 -9.64
CA GLY A 198 25.85 -3.78 -10.01
C GLY A 198 26.84 -4.87 -10.38
N TRP A 199 26.47 -6.12 -10.07
CA TRP A 199 27.27 -7.29 -10.41
C TRP A 199 26.56 -8.14 -11.45
N TRP A 200 27.35 -8.89 -12.22
CA TRP A 200 26.84 -10.07 -12.92
C TRP A 200 28.02 -11.02 -13.05
N VAL A 201 27.89 -12.20 -12.46
CA VAL A 201 28.96 -13.18 -12.43
C VAL A 201 28.38 -14.54 -12.79
N GLY A 202 29.18 -15.35 -13.50
CA GLY A 202 28.77 -16.68 -13.88
C GLY A 202 29.65 -17.25 -14.97
N TRP A 203 29.05 -18.03 -15.87
CA TRP A 203 29.81 -18.60 -16.97
C TRP A 203 28.86 -18.88 -18.13
N VAL A 204 29.46 -19.17 -19.29
N VAL A 204 29.47 -19.17 -19.28
CA VAL A 204 28.71 -19.44 -20.51
CA VAL A 204 28.78 -19.45 -20.53
C VAL A 204 29.18 -20.79 -21.04
C VAL A 204 29.21 -20.83 -20.98
N GLU A 205 28.26 -21.75 -21.10
CA GLU A 205 28.55 -23.11 -21.52
C GLU A 205 28.36 -23.23 -23.03
N LEU A 206 29.41 -23.65 -23.72
CA LEU A 206 29.37 -23.97 -25.15
C LEU A 206 29.57 -25.47 -25.33
N ASP A 207 29.44 -25.92 -26.57
CA ASP A 207 29.62 -27.34 -26.87
C ASP A 207 30.99 -27.83 -26.41
N ASP A 208 32.04 -27.03 -26.64
CA ASP A 208 33.41 -27.49 -26.44
C ASP A 208 34.25 -26.53 -25.61
N ASN A 209 33.63 -25.68 -24.79
CA ASN A 209 34.39 -24.75 -23.96
C ASN A 209 33.43 -24.11 -22.96
N VAL A 210 34.00 -23.46 -21.95
N VAL A 210 34.00 -23.47 -21.94
CA VAL A 210 33.23 -22.69 -20.98
CA VAL A 210 33.25 -22.70 -20.96
C VAL A 210 33.95 -21.37 -20.74
C VAL A 210 33.97 -21.37 -20.76
N TRP A 211 33.22 -20.28 -20.83
CA TRP A 211 33.75 -18.94 -20.59
C TRP A 211 33.16 -18.43 -19.29
N PHE A 212 34.01 -18.31 -18.27
CA PHE A 212 33.60 -17.70 -17.02
C PHE A 212 33.68 -16.18 -17.13
N PHE A 213 32.76 -15.50 -16.45
CA PHE A 213 32.73 -14.05 -16.49
C PHE A 213 32.35 -13.49 -15.14
N ALA A 214 32.83 -12.27 -14.88
CA ALA A 214 32.48 -11.52 -13.68
C ALA A 214 32.60 -10.05 -14.04
N MET A 215 31.53 -9.29 -13.85
CA MET A 215 31.49 -7.89 -14.20
C MET A 215 30.88 -7.08 -13.07
N ASN A 216 31.42 -5.89 -12.84
CA ASN A 216 30.75 -4.91 -12.02
C ASN A 216 30.85 -3.55 -12.70
N MET A 217 29.94 -2.67 -12.34
CA MET A 217 29.82 -1.37 -12.98
C MET A 217 29.15 -0.41 -12.03
N ASP A 218 29.50 0.86 -12.16
CA ASP A 218 28.86 1.90 -11.36
C ASP A 218 27.36 1.91 -11.64
N MET A 219 26.57 2.05 -10.58
CA MET A 219 25.11 1.93 -10.65
C MET A 219 24.50 2.97 -9.74
N PRO A 220 24.55 4.24 -10.12
CA PRO A 220 24.01 5.30 -9.25
C PRO A 220 22.51 5.22 -9.04
N THR A 221 21.76 4.61 -9.95
CA THR A 221 20.33 4.43 -9.79
C THR A 221 19.93 3.07 -10.35
N SER A 222 18.80 2.56 -9.87
CA SER A 222 18.31 1.26 -10.32
C SER A 222 17.92 1.26 -11.79
N ASP A 223 17.84 2.42 -12.43
CA ASP A 223 17.41 2.46 -13.82
C ASP A 223 18.37 1.75 -14.76
N GLY A 224 19.64 1.62 -14.39
CA GLY A 224 20.64 1.02 -15.23
C GLY A 224 20.92 -0.46 -14.98
N LEU A 225 20.12 -1.14 -14.17
CA LEU A 225 20.43 -2.53 -13.82
C LEU A 225 20.46 -3.42 -15.05
N GLY A 226 19.57 -3.16 -16.02
CA GLY A 226 19.57 -3.96 -17.23
C GLY A 226 20.86 -3.90 -18.01
N LEU A 227 21.71 -2.90 -17.74
CA LEU A 227 22.98 -2.78 -18.44
C LEU A 227 23.97 -3.86 -18.03
N ARG A 228 23.82 -4.45 -16.84
CA ARG A 228 24.73 -5.50 -16.41
C ARG A 228 24.77 -6.64 -17.42
N GLN A 229 23.60 -7.13 -17.82
CA GLN A 229 23.55 -8.20 -18.81
C GLN A 229 23.87 -7.67 -20.20
N ALA A 230 23.32 -6.50 -20.56
CA ALA A 230 23.46 -6.00 -21.92
C ALA A 230 24.92 -5.74 -22.26
N ILE A 231 25.65 -5.06 -21.38
CA ILE A 231 27.06 -4.78 -21.64
C ILE A 231 27.86 -6.07 -21.70
N THR A 232 27.62 -6.98 -20.73
CA THR A 232 28.32 -8.26 -20.73
C THR A 232 28.12 -9.00 -22.04
N LYS A 233 26.89 -9.04 -22.54
CA LYS A 233 26.61 -9.77 -23.78
C LYS A 233 27.27 -9.11 -24.98
N GLU A 234 27.37 -7.78 -24.98
CA GLU A 234 28.08 -7.10 -26.07
C GLU A 234 29.55 -7.52 -26.11
N VAL A 235 30.17 -7.69 -24.96
CA VAL A 235 31.54 -8.18 -24.92
C VAL A 235 31.60 -9.61 -25.46
N LEU A 236 30.68 -10.45 -25.01
CA LEU A 236 30.65 -11.83 -25.49
C LEU A 236 30.50 -11.86 -27.00
N LYS A 237 29.62 -11.03 -27.55
CA LYS A 237 29.45 -10.94 -28.99
C LYS A 237 30.75 -10.48 -29.65
N GLN A 238 31.35 -9.41 -29.13
CA GLN A 238 32.58 -8.90 -29.73
C GLN A 238 33.65 -9.98 -29.80
N GLU A 239 33.79 -10.77 -28.73
CA GLU A 239 34.76 -11.85 -28.72
C GLU A 239 34.23 -13.11 -29.40
N LYS A 240 33.10 -13.00 -30.11
CA LYS A 240 32.55 -14.09 -30.91
C LYS A 240 32.31 -15.34 -30.06
N ILE A 241 31.96 -15.15 -28.80
CA ILE A 241 31.62 -16.26 -27.92
C ILE A 241 30.15 -16.63 -28.05
N ILE A 242 29.28 -15.66 -28.27
CA ILE A 242 27.87 -15.94 -28.59
C ILE A 242 27.54 -15.21 -29.88
N PRO A 243 26.53 -15.69 -30.62
CA PRO A 243 26.18 -15.01 -31.88
C PRO A 243 25.64 -13.60 -31.65
N GLU B 2 -8.63 14.23 27.25
CA GLU B 2 -9.53 14.58 26.15
C GLU B 2 -8.83 14.67 24.79
N TRP B 3 -9.48 14.14 23.75
CA TRP B 3 -8.98 14.19 22.39
C TRP B 3 -10.07 14.67 21.44
N GLN B 4 -9.64 15.42 20.43
CA GLN B 4 -10.55 15.96 19.43
C GLN B 4 -9.94 15.75 18.05
N GLU B 5 -10.79 15.40 17.08
CA GLU B 5 -10.37 15.14 15.72
C GLU B 5 -10.79 16.31 14.83
N ASN B 6 -9.86 16.74 13.97
CA ASN B 6 -10.06 17.90 13.11
C ASN B 6 -9.63 17.53 11.70
N LYS B 7 -10.55 16.93 10.94
CA LYS B 7 -10.23 16.49 9.58
C LYS B 7 -10.01 17.66 8.62
N SER B 8 -10.23 18.89 9.06
CA SER B 8 -9.93 20.03 8.19
C SER B 8 -8.43 20.10 7.88
N TRP B 9 -7.59 19.61 8.78
CA TRP B 9 -6.16 19.57 8.53
C TRP B 9 -5.81 18.67 7.35
N ASN B 10 -6.68 17.71 7.01
CA ASN B 10 -6.41 16.83 5.88
C ASN B 10 -6.16 17.62 4.61
N ALA B 11 -6.71 18.83 4.52
CA ALA B 11 -6.49 19.67 3.34
C ALA B 11 -5.00 19.94 3.13
N HIS B 12 -4.23 20.08 4.21
CA HIS B 12 -2.81 20.37 4.08
C HIS B 12 -2.05 19.19 3.49
N PHE B 13 -2.49 17.97 3.77
CA PHE B 13 -1.89 16.80 3.14
C PHE B 13 -2.36 16.65 1.69
N THR B 14 -3.65 16.92 1.44
CA THR B 14 -4.19 16.75 0.10
C THR B 14 -3.61 17.74 -0.89
N GLU B 15 -3.31 18.96 -0.44
CA GLU B 15 -2.72 19.96 -1.32
C GLU B 15 -1.38 19.50 -1.89
N HIS B 16 -0.72 18.54 -1.26
CA HIS B 16 0.59 18.05 -1.70
C HIS B 16 0.54 16.61 -2.17
N LYS B 17 -0.64 16.10 -2.49
CA LYS B 17 -0.78 14.70 -2.92
C LYS B 17 -0.12 13.78 -1.91
N SER B 18 -0.37 14.05 -0.62
CA SER B 18 0.23 13.31 0.48
C SER B 18 -0.85 12.79 1.42
N GLN B 19 -0.43 11.90 2.31
CA GLN B 19 -1.28 11.39 3.38
C GLN B 19 -0.45 11.29 4.65
N GLY B 20 -1.05 11.61 5.79
CA GLY B 20 -0.34 11.53 7.04
C GLY B 20 -1.19 12.00 8.20
N VAL B 21 -0.54 12.18 9.34
CA VAL B 21 -1.21 12.56 10.58
C VAL B 21 -0.38 13.62 11.30
N VAL B 22 -1.06 14.61 11.87
CA VAL B 22 -0.47 15.55 12.82
C VAL B 22 -1.19 15.42 14.14
N VAL B 23 -0.43 15.34 15.23
CA VAL B 23 -0.98 15.30 16.58
C VAL B 23 -0.41 16.48 17.35
N LEU B 24 -1.29 17.29 17.93
CA LEU B 24 -0.91 18.44 18.75
C LEU B 24 -1.38 18.21 20.18
N TRP B 25 -0.58 18.69 21.14
CA TRP B 25 -0.93 18.61 22.54
C TRP B 25 -0.71 19.97 23.18
N ASN B 26 -1.78 20.55 23.71
CA ASN B 26 -1.73 21.81 24.45
C ASN B 26 -1.43 21.49 25.91
N GLU B 27 -0.24 21.87 26.37
CA GLU B 27 0.20 21.46 27.70
C GLU B 27 -0.62 22.17 28.79
N ASN B 28 -0.88 23.47 28.63
CA ASN B 28 -1.65 24.20 29.62
C ASN B 28 -3.03 23.58 29.80
N LYS B 29 -3.73 23.33 28.71
CA LYS B 29 -5.09 22.82 28.77
C LYS B 29 -5.16 21.30 28.81
N GLN B 30 -4.04 20.60 28.61
CA GLN B 30 -4.02 19.15 28.63
C GLN B 30 -5.04 18.57 27.64
N GLN B 31 -5.00 19.09 26.42
CA GLN B 31 -5.90 18.68 25.36
C GLN B 31 -5.12 18.31 24.11
N GLY B 32 -5.58 17.28 23.41
CA GLY B 32 -4.93 16.83 22.20
C GLY B 32 -5.78 17.04 20.96
N PHE B 33 -5.13 17.12 19.80
CA PHE B 33 -5.81 17.42 18.54
C PHE B 33 -5.10 16.68 17.43
N THR B 34 -5.87 16.07 16.53
CA THR B 34 -5.30 15.35 15.41
C THR B 34 -6.29 15.31 14.26
N ASN B 35 -5.77 15.11 13.06
CA ASN B 35 -6.60 14.96 11.87
C ASN B 35 -7.07 13.53 11.63
N ASN B 36 -6.52 12.55 12.37
CA ASN B 36 -6.78 11.15 12.06
C ASN B 36 -6.48 10.35 13.33
N LEU B 37 -7.53 10.10 14.13
CA LEU B 37 -7.35 9.41 15.40
C LEU B 37 -6.73 8.03 15.21
N LYS B 38 -7.08 7.34 14.11
CA LYS B 38 -6.55 6.00 13.92
C LYS B 38 -5.06 6.03 13.58
N ARG B 39 -4.67 6.80 12.56
CA ARG B 39 -3.26 6.86 12.22
C ARG B 39 -2.43 7.44 13.36
N ALA B 40 -3.02 8.34 14.15
CA ALA B 40 -2.31 8.89 15.30
C ALA B 40 -1.89 7.79 16.27
N ASN B 41 -2.60 6.66 16.29
CA ASN B 41 -2.30 5.56 17.18
C ASN B 41 -1.72 4.35 16.46
N GLN B 42 -1.41 4.48 15.17
CA GLN B 42 -0.72 3.44 14.43
C GLN B 42 0.79 3.56 14.65
N ALA B 43 1.45 2.44 14.91
CA ALA B 43 2.85 2.43 15.31
C ALA B 43 3.75 2.14 14.11
N PHE B 44 4.81 2.95 13.97
CA PHE B 44 5.75 2.83 12.87
C PHE B 44 7.17 2.70 13.41
N LEU B 45 8.09 2.38 12.53
CA LEU B 45 9.51 2.47 12.87
C LEU B 45 9.84 3.91 13.27
N PRO B 46 10.56 4.13 14.37
CA PRO B 46 10.89 5.51 14.74
C PRO B 46 11.94 6.15 13.85
N ALA B 47 12.74 5.34 13.14
CA ALA B 47 13.85 5.86 12.33
C ALA B 47 14.67 6.84 13.15
N SER B 48 15.09 7.97 12.56
CA SER B 48 16.03 8.85 13.22
C SER B 48 15.41 9.63 14.38
N THR B 49 14.09 9.56 14.59
CA THR B 49 13.55 10.11 15.83
C THR B 49 14.05 9.33 17.04
N PHE B 50 14.56 8.12 16.84
CA PHE B 50 15.10 7.34 17.92
C PHE B 50 16.40 7.93 18.46
N KCX B 51 16.94 8.92 17.77
CA KCX B 51 18.17 9.57 18.22
CB KCX B 51 18.74 10.47 17.13
CG KCX B 51 19.47 9.69 16.05
CD KCX B 51 19.99 10.60 14.95
CE KCX B 51 20.74 9.81 13.90
NZ KCX B 51 19.84 9.04 13.01
C KCX B 51 17.93 10.37 19.50
O KCX B 51 18.86 10.72 20.21
CX KCX B 51 19.61 7.75 13.19
OQ1 KCX B 51 20.16 7.11 14.11
OQ2 KCX B 51 18.84 7.15 12.42
H KCX B 51 16.63 9.24 17.03
HA KCX B 51 18.84 8.87 18.43
HB2 KCX B 51 19.38 11.08 17.53
HG2 KCX B 51 18.86 9.05 15.65
HD2 KCX B 51 19.22 11.02 14.51
HE2 KCX B 51 21.33 9.18 14.34
N ILE B 52 16.66 10.66 19.80
CA ILE B 52 16.32 11.34 21.03
C ILE B 52 16.62 10.38 22.20
N PRO B 53 15.94 9.24 22.27
CA PRO B 53 16.27 8.29 23.35
C PRO B 53 17.70 7.78 23.27
N ASN B 54 18.21 7.55 22.06
CA ASN B 54 19.57 7.05 21.90
C ASN B 54 20.58 8.04 22.51
N SER B 55 20.38 9.33 22.26
CA SER B 55 21.26 10.34 22.88
C SER B 55 21.15 10.32 24.40
N LEU B 56 19.93 10.23 24.93
CA LEU B 56 19.75 10.20 26.38
C LEU B 56 20.51 9.03 27.01
N ILE B 57 20.36 7.84 26.43
CA ILE B 57 20.99 6.66 27.01
C ILE B 57 22.51 6.78 26.94
N ALA B 58 23.04 7.19 25.78
CA ALA B 58 24.48 7.29 25.62
C ALA B 58 25.09 8.28 26.61
N LEU B 59 24.41 9.41 26.83
CA LEU B 59 24.93 10.40 27.78
C LEU B 59 24.90 9.87 29.21
N ASP B 60 23.77 9.27 29.60
CA ASP B 60 23.61 8.85 30.99
C ASP B 60 24.58 7.73 31.36
N LEU B 61 24.97 6.91 30.39
CA LEU B 61 25.89 5.80 30.67
C LEU B 61 27.35 6.19 30.53
N GLY B 62 27.65 7.39 30.05
CA GLY B 62 29.01 7.81 29.84
C GLY B 62 29.59 7.42 28.50
N VAL B 63 28.80 6.78 27.64
CA VAL B 63 29.25 6.50 26.28
C VAL B 63 29.56 7.80 25.55
N VAL B 64 28.77 8.84 25.80
CA VAL B 64 29.02 10.17 25.30
C VAL B 64 29.33 11.08 26.48
N LYS B 65 30.47 11.77 26.40
CA LYS B 65 30.92 12.62 27.49
C LYS B 65 30.07 13.87 27.64
N ASP B 66 29.90 14.61 26.56
CA ASP B 66 29.12 15.84 26.57
C ASP B 66 28.90 16.24 25.12
N GLU B 67 28.30 17.42 24.92
CA GLU B 67 27.95 17.85 23.57
C GLU B 67 29.14 18.34 22.78
N HIS B 68 30.34 18.35 23.37
CA HIS B 68 31.55 18.77 22.68
C HIS B 68 32.41 17.60 22.20
N GLN B 69 32.23 16.41 22.77
CA GLN B 69 33.04 15.26 22.37
C GLN B 69 32.92 15.03 20.86
N VAL B 70 34.07 14.87 20.21
CA VAL B 70 34.12 14.67 18.77
C VAL B 70 34.11 13.18 18.47
N PHE B 71 33.23 12.78 17.56
CA PHE B 71 33.16 11.41 17.08
C PHE B 71 33.80 11.38 15.69
N LYS B 72 34.98 10.80 15.61
CA LYS B 72 35.77 10.89 14.39
C LYS B 72 35.11 10.11 13.26
N TRP B 73 35.08 10.72 12.08
CA TRP B 73 34.66 10.03 10.87
C TRP B 73 35.53 8.79 10.66
N ASP B 74 34.91 7.66 10.33
CA ASP B 74 35.65 6.42 10.18
C ASP B 74 36.34 6.30 8.81
N GLY B 75 36.22 7.30 7.96
CA GLY B 75 36.90 7.29 6.68
C GLY B 75 36.19 6.57 5.56
N GLN B 76 35.03 5.96 5.84
CA GLN B 76 34.25 5.25 4.83
C GLN B 76 33.33 6.24 4.14
N THR B 77 33.55 6.45 2.84
CA THR B 77 32.72 7.37 2.06
C THR B 77 31.28 6.85 1.97
N ARG B 78 30.33 7.64 2.46
CA ARG B 78 28.90 7.36 2.35
C ARG B 78 28.25 8.40 1.45
N ASP B 79 27.05 8.06 0.96
CA ASP B 79 26.39 8.90 -0.03
C ASP B 79 25.74 10.15 0.55
N ILE B 80 25.84 10.39 1.86
CA ILE B 80 25.35 11.62 2.47
C ILE B 80 26.60 12.42 2.85
N ALA B 81 26.83 13.52 2.12
CA ALA B 81 28.09 14.25 2.23
C ALA B 81 28.35 14.70 3.66
N THR B 82 27.34 15.26 4.32
N THR B 82 27.33 15.26 4.33
CA THR B 82 27.52 15.76 5.68
CA THR B 82 27.52 15.76 5.68
C THR B 82 27.88 14.66 6.67
C THR B 82 27.92 14.66 6.65
N TRP B 83 27.73 13.38 6.29
CA TRP B 83 28.12 12.29 7.17
C TRP B 83 29.61 11.98 7.12
N ASN B 84 30.30 12.41 6.06
CA ASN B 84 31.72 12.07 5.87
C ASN B 84 32.61 13.14 6.50
N ARG B 85 32.42 13.33 7.80
CA ARG B 85 33.18 14.33 8.55
C ARG B 85 33.02 14.04 10.03
N ASP B 86 33.84 14.73 10.83
CA ASP B 86 33.76 14.60 12.27
C ASP B 86 32.48 15.24 12.79
N HIS B 87 32.00 14.76 13.94
CA HIS B 87 30.76 15.26 14.51
C HIS B 87 30.84 15.22 16.03
N ASN B 88 30.07 16.12 16.66
CA ASN B 88 29.69 16.03 18.05
C ASN B 88 28.20 15.75 18.14
N LEU B 89 27.68 15.70 19.38
CA LEU B 89 26.27 15.37 19.56
C LEU B 89 25.37 16.38 18.86
N ILE B 90 25.73 17.66 18.90
CA ILE B 90 24.87 18.69 18.31
C ILE B 90 24.75 18.49 16.80
N THR B 91 25.90 18.36 16.13
CA THR B 91 25.90 18.20 14.67
C THR B 91 25.41 16.81 14.27
N ALA B 92 25.67 15.81 15.10
CA ALA B 92 25.18 14.46 14.80
C ALA B 92 23.66 14.42 14.83
N MET B 93 23.02 15.21 15.69
N MET B 93 23.03 15.20 15.71
CA MET B 93 21.56 15.28 15.64
CA MET B 93 21.58 15.35 15.71
C MET B 93 21.07 16.18 14.52
C MET B 93 21.12 16.16 14.51
N LYS B 94 21.81 17.25 14.21
CA LYS B 94 21.40 18.16 13.15
C LYS B 94 21.39 17.47 11.79
N TYR B 95 22.42 16.66 11.51
CA TYR B 95 22.56 16.00 10.22
C TYR B 95 22.16 14.53 10.25
N SER B 96 21.47 14.08 11.29
CA SER B 96 20.97 12.71 11.40
C SER B 96 22.03 11.72 10.94
N VAL B 97 23.17 11.73 11.63
CA VAL B 97 24.33 10.97 11.19
C VAL B 97 24.17 9.56 11.75
N VAL B 98 23.50 8.71 10.97
CA VAL B 98 23.23 7.33 11.40
C VAL B 98 24.48 6.63 11.91
N PRO B 99 25.61 6.61 11.18
CA PRO B 99 26.75 5.80 11.63
C PRO B 99 27.28 6.18 13.01
N VAL B 100 27.22 7.45 13.40
CA VAL B 100 27.66 7.84 14.74
C VAL B 100 26.76 7.21 15.78
N TYR B 101 25.44 7.25 15.56
CA TYR B 101 24.51 6.70 16.54
C TYR B 101 24.51 5.17 16.51
N GLN B 102 24.87 4.57 15.38
CA GLN B 102 25.04 3.12 15.35
C GLN B 102 26.17 2.69 16.27
N GLU B 103 27.28 3.43 16.28
CA GLU B 103 28.35 3.13 17.22
C GLU B 103 27.90 3.32 18.66
N PHE B 104 27.16 4.41 18.92
CA PHE B 104 26.54 4.57 20.24
C PHE B 104 25.81 3.30 20.63
N ALA B 105 24.96 2.79 19.74
CA ALA B 105 24.15 1.63 20.05
C ALA B 105 25.03 0.42 20.36
N ARG B 106 26.10 0.23 19.58
CA ARG B 106 27.00 -0.90 19.81
C ARG B 106 27.66 -0.80 21.18
N GLN B 107 28.06 0.42 21.58
CA GLN B 107 28.68 0.59 22.89
C GLN B 107 27.67 0.55 24.03
N ILE B 108 26.42 0.93 23.77
CA ILE B 108 25.38 0.80 24.78
C ILE B 108 25.13 -0.69 25.08
N GLY B 109 24.99 -1.48 24.02
CA GLY B 109 24.73 -2.90 24.17
C GLY B 109 23.25 -3.23 24.27
N GLU B 110 22.93 -4.48 23.92
CA GLU B 110 21.54 -4.92 23.87
C GLU B 110 20.86 -4.79 25.22
N ALA B 111 21.53 -5.27 26.28
CA ALA B 111 20.88 -5.35 27.59
C ALA B 111 20.49 -3.98 28.11
N ARG B 112 21.45 -3.04 28.09
CA ARG B 112 21.17 -1.71 28.64
C ARG B 112 20.20 -0.93 27.75
N MET B 113 20.33 -1.07 26.43
CA MET B 113 19.36 -0.44 25.54
C MET B 113 17.95 -0.92 25.86
N SER B 114 17.79 -2.23 26.07
CA SER B 114 16.47 -2.80 26.33
C SER B 114 15.88 -2.27 27.64
N LYS B 115 16.66 -2.29 28.73
CA LYS B 115 16.10 -1.82 30.00
C LYS B 115 15.68 -0.36 29.91
N MET B 116 16.49 0.47 29.26
CA MET B 116 16.20 1.90 29.25
C MET B 116 14.95 2.22 28.44
N LEU B 117 14.69 1.48 27.37
CA LEU B 117 13.47 1.74 26.60
C LEU B 117 12.23 1.33 27.40
N HIS B 118 12.33 0.30 28.24
CA HIS B 118 11.23 -0.01 29.14
C HIS B 118 11.10 1.06 30.22
N ALA B 119 12.22 1.49 30.80
CA ALA B 119 12.19 2.58 31.77
C ALA B 119 11.62 3.85 31.16
N PHE B 120 11.86 4.07 29.87
CA PHE B 120 11.27 5.20 29.16
C PHE B 120 9.83 4.96 28.76
N ASP B 121 9.33 3.72 28.87
CA ASP B 121 8.00 3.39 28.36
C ASP B 121 7.89 3.77 26.89
N TYR B 122 8.97 3.52 26.14
CA TYR B 122 9.14 4.07 24.80
C TYR B 122 8.54 3.09 23.79
N GLY B 123 7.45 3.51 23.14
CA GLY B 123 6.85 2.69 22.11
C GLY B 123 6.56 1.29 22.61
N ASN B 124 6.82 0.30 21.77
CA ASN B 124 6.64 -1.08 22.16
C ASN B 124 7.84 -1.66 22.90
N GLU B 125 8.88 -0.86 23.14
CA GLU B 125 9.99 -1.24 24.01
C GLU B 125 10.72 -2.48 23.49
N ASP B 126 10.62 -2.77 22.21
CA ASP B 126 11.14 -4.00 21.60
C ASP B 126 12.35 -3.67 20.73
N ILE B 127 13.53 -4.14 21.15
CA ILE B 127 14.76 -3.92 20.41
C ILE B 127 15.12 -5.11 19.52
N SER B 128 14.16 -5.97 19.20
CA SER B 128 14.44 -7.13 18.38
C SER B 128 15.08 -6.70 17.07
N GLY B 129 16.15 -7.38 16.68
CA GLY B 129 16.92 -7.06 15.50
C GLY B 129 18.37 -6.80 15.85
N ASN B 130 19.09 -6.21 14.90
CA ASN B 130 20.48 -5.86 15.12
C ASN B 130 20.57 -4.64 16.02
N VAL B 131 21.44 -4.71 17.03
CA VAL B 131 21.56 -3.62 18.00
C VAL B 131 21.90 -2.29 17.34
N ASP B 132 22.52 -2.33 16.15
CA ASP B 132 22.95 -1.11 15.48
C ASP B 132 22.03 -0.70 14.34
N SER B 133 20.83 -1.27 14.25
CA SER B 133 19.90 -0.85 13.21
C SER B 133 18.45 -1.17 13.54
N PHE B 134 18.17 -1.61 14.76
CA PHE B 134 16.82 -2.07 15.07
C PHE B 134 15.79 -0.96 14.91
N TRP B 135 16.18 0.28 15.15
CA TRP B 135 15.26 1.40 14.97
C TRP B 135 15.06 1.76 13.50
N LEU B 136 15.82 1.13 12.60
CA LEU B 136 15.65 1.34 11.16
C LEU B 136 14.99 0.17 10.46
N ASP B 137 15.24 -1.07 10.93
CA ASP B 137 14.62 -2.23 10.31
C ASP B 137 14.41 -3.37 11.32
N GLY B 138 14.33 -3.08 12.60
CA GLY B 138 14.05 -4.07 13.62
C GLY B 138 12.60 -4.05 14.03
N GLY B 139 12.34 -4.50 15.26
CA GLY B 139 10.98 -4.70 15.72
C GLY B 139 10.38 -3.54 16.49
N ILE B 140 11.15 -2.48 16.75
CA ILE B 140 10.64 -1.38 17.56
C ILE B 140 9.62 -0.59 16.76
N ARG B 141 8.56 -0.15 17.44
CA ARG B 141 7.48 0.60 16.83
C ARG B 141 6.99 1.65 17.82
N ILE B 142 6.56 2.79 17.29
CA ILE B 142 6.02 3.86 18.13
C ILE B 142 5.00 4.65 17.31
N SER B 143 3.96 5.11 17.99
CA SER B 143 2.93 5.92 17.36
C SER B 143 3.17 7.40 17.66
N ALA B 144 2.45 8.24 16.90
CA ALA B 144 2.55 9.68 17.10
C ALA B 144 2.15 10.07 18.53
N THR B 145 1.03 9.53 19.01
CA THR B 145 0.59 9.84 20.37
C THR B 145 1.59 9.36 21.40
N GLU B 146 2.24 8.22 21.15
CA GLU B 146 3.28 7.73 22.06
C GLU B 146 4.52 8.61 22.01
N GLN B 147 4.82 9.18 20.84
CA GLN B 147 5.90 10.16 20.75
C GLN B 147 5.60 11.34 21.66
N ILE B 148 4.35 11.83 21.63
CA ILE B 148 3.97 12.96 22.47
C ILE B 148 4.22 12.63 23.94
N SER B 149 3.77 11.46 24.38
N SER B 149 3.76 11.46 24.39
CA SER B 149 3.91 11.10 25.80
CA SER B 149 3.92 11.07 25.78
C SER B 149 5.37 11.05 26.22
C SER B 149 5.37 11.07 26.20
N PHE B 150 6.25 10.54 25.35
CA PHE B 150 7.67 10.47 25.68
C PHE B 150 8.27 11.86 25.76
N LEU B 151 7.94 12.74 24.81
CA LEU B 151 8.52 14.08 24.79
C LEU B 151 8.08 14.90 26.00
N ARG B 152 6.83 14.77 26.44
CA ARG B 152 6.36 15.51 27.60
C ARG B 152 7.19 15.18 28.82
N LYS B 153 7.49 13.89 29.02
CA LYS B 153 8.38 13.49 30.11
C LYS B 153 9.75 14.15 29.95
N LEU B 154 10.29 14.14 28.74
CA LEU B 154 11.57 14.77 28.49
C LEU B 154 11.51 16.27 28.81
N TYR B 155 10.46 16.94 28.36
CA TYR B 155 10.34 18.38 28.62
C TYR B 155 10.36 18.65 30.12
N HIS B 156 9.68 17.81 30.91
CA HIS B 156 9.58 18.01 32.35
C HIS B 156 10.71 17.37 33.14
N ASN B 157 11.73 16.84 32.46
CA ASN B 157 12.84 16.17 33.12
C ASN B 157 12.37 14.99 33.95
N LYS B 158 11.33 14.30 33.49
CA LYS B 158 10.71 13.19 34.22
C LYS B 158 11.18 11.82 33.75
N LEU B 159 12.00 11.75 32.71
CA LEU B 159 12.54 10.47 32.29
C LEU B 159 13.55 9.97 33.31
N HIS B 160 13.76 8.64 33.31
CA HIS B 160 14.63 8.01 34.30
C HIS B 160 16.10 8.07 33.86
N VAL B 161 16.55 9.30 33.66
CA VAL B 161 17.96 9.63 33.48
C VAL B 161 18.21 10.95 34.21
N SER B 162 19.48 11.32 34.30
CA SER B 162 19.82 12.52 35.06
C SER B 162 19.22 13.75 34.40
N GLU B 163 19.03 14.80 35.21
CA GLU B 163 18.58 16.08 34.66
C GLU B 163 19.56 16.59 33.60
N ARG B 164 20.85 16.45 33.86
CA ARG B 164 21.86 16.90 32.90
C ARG B 164 21.66 16.24 31.54
N SER B 165 21.50 14.92 31.53
CA SER B 165 21.33 14.21 30.27
C SER B 165 20.12 14.73 29.49
N GLN B 166 19.04 15.04 30.20
CA GLN B 166 17.85 15.55 29.52
C GLN B 166 18.06 16.97 29.05
N ARG B 167 18.74 17.80 29.85
CA ARG B 167 19.04 19.15 29.40
C ARG B 167 19.92 19.14 28.15
N ILE B 168 20.90 18.24 28.09
CA ILE B 168 21.81 18.20 26.95
C ILE B 168 21.06 17.82 25.69
N VAL B 169 20.21 16.78 25.76
CA VAL B 169 19.48 16.34 24.57
C VAL B 169 18.51 17.44 24.12
N LYS B 170 17.86 18.11 25.07
CA LYS B 170 16.96 19.20 24.70
C LYS B 170 17.71 20.34 24.04
N GLN B 171 18.94 20.61 24.47
CA GLN B 171 19.80 21.54 23.73
C GLN B 171 20.04 21.05 22.31
N ALA B 172 20.46 19.78 22.18
CA ALA B 172 20.76 19.23 20.87
C ALA B 172 19.54 19.16 19.95
N MET B 173 18.33 19.16 20.51
CA MET B 173 17.13 19.15 19.69
C MET B 173 16.80 20.53 19.12
N LEU B 174 17.48 21.58 19.56
CA LEU B 174 17.17 22.92 19.09
C LEU B 174 17.18 22.97 17.57
N THR B 175 16.08 23.41 17.00
CA THR B 175 15.89 23.43 15.56
C THR B 175 15.65 24.84 15.03
N GLU B 176 14.85 25.65 15.73
CA GLU B 176 14.55 26.99 15.27
C GLU B 176 14.19 27.86 16.47
N ALA B 177 14.60 29.12 16.42
CA ALA B 177 14.29 30.06 17.50
C ALA B 177 14.25 31.47 16.93
N ASN B 178 13.21 32.21 17.29
CA ASN B 178 13.08 33.61 16.92
C ASN B 178 12.34 34.32 18.05
N GLY B 179 11.94 35.56 17.79
CA GLY B 179 11.24 36.34 18.80
C GLY B 179 9.87 35.81 19.17
N ASP B 180 9.32 34.88 18.38
CA ASP B 180 7.97 34.39 18.60
C ASP B 180 7.91 32.99 19.18
N TYR B 181 8.84 32.10 18.86
CA TYR B 181 8.77 30.73 19.36
C TYR B 181 10.14 30.09 19.30
N ILE B 182 10.25 28.96 20.01
CA ILE B 182 11.39 28.06 19.93
C ILE B 182 10.87 26.68 19.60
N ILE B 183 11.52 26.01 18.65
CA ILE B 183 11.16 24.65 18.26
C ILE B 183 12.35 23.74 18.61
N ARG B 184 12.07 22.71 19.40
CA ARG B 184 12.99 21.61 19.64
C ARG B 184 12.32 20.37 19.10
N ALA B 185 13.00 19.67 18.19
CA ALA B 185 12.37 18.60 17.43
C ALA B 185 13.44 17.73 16.80
N LYS B 186 12.98 16.62 16.22
CA LYS B 186 13.86 15.71 15.48
C LYS B 186 13.10 15.14 14.29
N THR B 187 13.76 15.10 13.15
CA THR B 187 13.21 14.51 11.94
C THR B 187 13.49 13.01 11.88
N GLY B 188 12.71 12.32 11.05
CA GLY B 188 12.91 10.91 10.83
C GLY B 188 12.52 10.53 9.42
N TYR B 189 13.19 9.52 8.88
CA TYR B 189 12.92 9.03 7.53
C TYR B 189 13.06 7.51 7.53
N SER B 190 11.93 6.81 7.46
CA SER B 190 11.91 5.35 7.48
C SER B 190 11.67 4.82 6.07
N THR B 191 12.66 4.08 5.55
CA THR B 191 12.57 3.54 4.20
C THR B 191 12.73 2.03 4.11
N ARG B 192 13.25 1.38 5.15
CA ARG B 192 13.60 -0.04 5.05
C ARG B 192 12.42 -0.97 5.23
N ILE B 193 11.32 -0.51 5.82
CA ILE B 193 10.13 -1.34 5.99
C ILE B 193 8.93 -0.49 5.58
N GLU B 194 8.04 -1.09 4.79
CA GLU B 194 6.87 -0.39 4.32
C GLU B 194 5.86 -0.18 5.45
N PRO B 195 5.10 0.93 5.43
CA PRO B 195 5.15 2.00 4.43
C PRO B 195 6.27 3.01 4.70
N LYS B 196 6.86 3.56 3.64
CA LYS B 196 7.89 4.58 3.79
C LYS B 196 7.26 5.86 4.32
N ILE B 197 7.81 6.38 5.42
CA ILE B 197 7.26 7.55 6.09
C ILE B 197 8.38 8.51 6.49
N GLY B 198 7.98 9.76 6.68
CA GLY B 198 8.81 10.77 7.30
C GLY B 198 8.21 11.16 8.65
N TRP B 199 9.06 11.45 9.61
CA TRP B 199 8.63 11.91 10.93
C TRP B 199 9.05 13.36 11.14
N TRP B 200 8.30 14.05 12.00
CA TRP B 200 8.80 15.26 12.66
C TRP B 200 8.10 15.36 14.00
N VAL B 201 8.88 15.31 15.09
CA VAL B 201 8.34 15.30 16.44
C VAL B 201 9.14 16.28 17.28
N GLY B 202 8.47 16.93 18.21
CA GLY B 202 9.10 17.86 19.12
C GLY B 202 8.03 18.69 19.81
N TRP B 203 8.40 19.95 20.06
CA TRP B 203 7.44 20.87 20.68
C TRP B 203 7.83 22.30 20.33
N VAL B 204 6.87 23.21 20.51
N VAL B 204 6.85 23.19 20.53
CA VAL B 204 7.06 24.62 20.23
CA VAL B 204 6.96 24.62 20.27
C VAL B 204 6.84 25.38 21.53
C VAL B 204 6.84 25.33 21.60
N GLU B 205 7.89 26.07 21.99
CA GLU B 205 7.85 26.82 23.23
C GLU B 205 7.35 28.23 22.97
N LEU B 206 6.31 28.63 23.69
CA LEU B 206 5.80 29.99 23.68
C LEU B 206 6.09 30.63 25.03
N ASP B 207 5.78 31.93 25.13
CA ASP B 207 6.03 32.65 26.38
C ASP B 207 5.30 31.98 27.55
N ASP B 208 4.05 31.56 27.35
CA ASP B 208 3.22 31.07 28.45
C ASP B 208 2.55 29.74 28.12
N ASN B 209 3.11 28.96 27.20
CA ASN B 209 2.52 27.67 26.86
C ASN B 209 3.49 26.89 25.98
N VAL B 210 3.30 25.58 25.93
N VAL B 210 3.30 25.58 25.95
CA VAL B 210 4.10 24.71 25.08
CA VAL B 210 4.07 24.67 25.12
C VAL B 210 3.16 23.77 24.33
C VAL B 210 3.09 23.81 24.32
N TRP B 211 3.33 23.69 23.02
CA TRP B 211 2.55 22.81 22.16
C TRP B 211 3.47 21.69 21.68
N PHE B 212 3.23 20.48 22.15
CA PHE B 212 3.93 19.32 21.63
C PHE B 212 3.27 18.87 20.33
N PHE B 213 4.09 18.36 19.42
CA PHE B 213 3.58 17.89 18.14
C PHE B 213 4.30 16.61 17.74
N ALA B 214 3.60 15.79 16.96
CA ALA B 214 4.18 14.58 16.39
C ALA B 214 3.44 14.28 15.11
N MET B 215 4.17 14.19 14.00
CA MET B 215 3.57 13.97 12.69
C MET B 215 4.37 12.92 11.92
N ASN B 216 3.67 12.10 11.17
CA ASN B 216 4.29 11.27 10.16
C ASN B 216 3.44 11.31 8.91
N MET B 217 4.06 10.98 7.78
CA MET B 217 3.40 11.09 6.49
C MET B 217 4.05 10.13 5.52
N ASP B 218 3.27 9.65 4.56
CA ASP B 218 3.80 8.79 3.53
C ASP B 218 4.89 9.53 2.75
N MET B 219 5.97 8.82 2.46
CA MET B 219 7.17 9.42 1.87
C MET B 219 7.74 8.45 0.86
N PRO B 220 7.07 8.28 -0.29
CA PRO B 220 7.55 7.32 -1.28
C PRO B 220 8.90 7.68 -1.89
N THR B 221 9.28 8.95 -1.87
CA THR B 221 10.58 9.38 -2.38
C THR B 221 11.11 10.49 -1.49
N SER B 222 12.44 10.63 -1.50
CA SER B 222 13.10 11.66 -0.70
C SER B 222 12.76 13.07 -1.14
N ASP B 223 12.09 13.24 -2.28
CA ASP B 223 11.78 14.57 -2.80
C ASP B 223 10.84 15.33 -1.88
N GLY B 224 10.01 14.63 -1.11
CA GLY B 224 9.00 15.25 -0.27
C GLY B 224 9.39 15.49 1.17
N LEU B 225 10.66 15.31 1.53
CA LEU B 225 11.04 15.41 2.94
C LEU B 225 10.76 16.80 3.50
N GLY B 226 10.92 17.84 2.68
CA GLY B 226 10.61 19.18 3.14
C GLY B 226 9.18 19.39 3.55
N LEU B 227 8.26 18.51 3.12
CA LEU B 227 6.86 18.65 3.50
C LEU B 227 6.63 18.33 4.98
N ARG B 228 7.51 17.55 5.60
CA ARG B 228 7.36 17.25 7.02
C ARG B 228 7.25 18.52 7.84
N GLN B 229 8.19 19.46 7.65
CA GLN B 229 8.15 20.71 8.38
C GLN B 229 7.06 21.64 7.84
N ALA B 230 6.93 21.72 6.52
CA ALA B 230 6.00 22.69 5.94
C ALA B 230 4.56 22.41 6.34
N ILE B 231 4.14 21.14 6.23
CA ILE B 231 2.77 20.79 6.59
C ILE B 231 2.53 21.01 8.08
N THR B 232 3.49 20.60 8.92
CA THR B 232 3.36 20.83 10.36
C THR B 232 3.14 22.30 10.65
N LYS B 233 3.94 23.17 10.02
CA LYS B 233 3.81 24.60 10.28
C LYS B 233 2.50 25.15 9.75
N GLU B 234 2.00 24.61 8.63
CA GLU B 234 0.70 25.04 8.13
C GLU B 234 -0.40 24.75 9.15
N VAL B 235 -0.32 23.59 9.82
CA VAL B 235 -1.27 23.29 10.89
C VAL B 235 -1.07 24.25 12.05
N LEU B 236 0.19 24.47 12.45
CA LEU B 236 0.47 25.37 13.56
C LEU B 236 -0.06 26.78 13.26
N LYS B 237 0.17 27.27 12.04
CA LYS B 237 -0.37 28.58 11.66
C LYS B 237 -1.90 28.58 11.73
N GLN B 238 -2.53 27.56 11.16
CA GLN B 238 -3.99 27.50 11.16
C GLN B 238 -4.54 27.60 12.58
N GLU B 239 -3.92 26.89 13.52
CA GLU B 239 -4.36 26.91 14.91
C GLU B 239 -3.82 28.12 15.68
N LYS B 240 -3.27 29.11 14.98
CA LYS B 240 -2.80 30.35 15.59
C LYS B 240 -1.74 30.08 16.66
N ILE B 241 -0.94 29.04 16.48
CA ILE B 241 0.13 28.74 17.42
C ILE B 241 1.41 29.48 17.05
N ILE B 242 1.70 29.62 15.75
CA ILE B 242 2.80 30.47 15.31
C ILE B 242 2.27 31.42 14.25
N PRO B 243 2.94 32.57 14.04
CA PRO B 243 2.47 33.52 13.03
C PRO B 243 2.55 32.94 11.62
N GLU C 2 -11.50 9.46 25.93
CA GLU C 2 -10.95 9.24 27.27
C GLU C 2 -10.62 7.76 27.35
N TRP C 3 -9.45 7.43 27.90
CA TRP C 3 -9.05 6.05 28.08
C TRP C 3 -8.52 5.85 29.48
N GLN C 4 -8.77 4.66 30.02
CA GLN C 4 -8.33 4.30 31.36
C GLN C 4 -7.71 2.91 31.33
N GLU C 5 -6.62 2.74 32.08
CA GLU C 5 -5.91 1.47 32.15
C GLU C 5 -6.22 0.81 33.49
N ASN C 6 -6.51 -0.48 33.46
CA ASN C 6 -6.94 -1.23 34.64
C ASN C 6 -6.11 -2.51 34.71
N LYS C 7 -4.95 -2.41 35.33
CA LYS C 7 -4.03 -3.54 35.43
C LYS C 7 -4.56 -4.65 36.33
N SER C 8 -5.66 -4.42 37.06
CA SER C 8 -6.24 -5.48 37.87
C SER C 8 -6.77 -6.62 37.01
N TRP C 9 -7.18 -6.33 35.79
CA TRP C 9 -7.64 -7.39 34.88
C TRP C 9 -6.53 -8.37 34.53
N ASN C 10 -5.26 -7.96 34.66
CA ASN C 10 -4.15 -8.85 34.34
C ASN C 10 -4.23 -10.15 35.15
N ALA C 11 -4.86 -10.11 36.33
CA ALA C 11 -4.99 -11.32 37.12
C ALA C 11 -5.71 -12.41 36.35
N HIS C 12 -6.70 -12.03 35.53
CA HIS C 12 -7.46 -13.01 34.77
C HIS C 12 -6.61 -13.71 33.72
N PHE C 13 -5.63 -13.00 33.15
CA PHE C 13 -4.69 -13.65 32.24
C PHE C 13 -3.69 -14.51 33.01
N THR C 14 -3.19 -14.00 34.14
CA THR C 14 -2.23 -14.74 34.94
C THR C 14 -2.85 -15.98 35.57
N GLU C 15 -4.15 -15.94 35.87
CA GLU C 15 -4.81 -17.09 36.47
C GLU C 15 -4.67 -18.33 35.59
N HIS C 16 -4.41 -18.15 34.30
CA HIS C 16 -4.22 -19.25 33.36
C HIS C 16 -2.84 -19.23 32.73
N LYS C 17 -1.88 -18.52 33.32
CA LYS C 17 -0.54 -18.40 32.76
C LYS C 17 -0.60 -17.94 31.29
N SER C 18 -1.38 -16.89 31.06
CA SER C 18 -1.61 -16.34 29.73
C SER C 18 -1.20 -14.87 29.69
N GLN C 19 -1.13 -14.35 28.47
CA GLN C 19 -0.89 -12.93 28.22
C GLN C 19 -1.83 -12.47 27.12
N GLY C 20 -2.36 -11.26 27.28
CA GLY C 20 -3.23 -10.70 26.28
C GLY C 20 -3.77 -9.37 26.73
N VAL C 21 -4.77 -8.89 26.00
CA VAL C 21 -5.39 -7.60 26.27
C VAL C 21 -6.89 -7.74 26.11
N VAL C 22 -7.64 -7.06 26.99
CA VAL C 22 -9.07 -6.87 26.84
C VAL C 22 -9.33 -5.38 26.74
N VAL C 23 -10.11 -4.98 25.74
CA VAL C 23 -10.48 -3.58 25.55
C VAL C 23 -12.00 -3.48 25.59
N LEU C 24 -12.51 -2.61 26.46
CA LEU C 24 -13.94 -2.37 26.58
C LEU C 24 -14.25 -0.92 26.22
N TRP C 25 -15.41 -0.71 25.60
CA TRP C 25 -15.87 0.63 25.24
C TRP C 25 -17.31 0.79 25.69
N ASN C 26 -17.54 1.77 26.58
CA ASN C 26 -18.88 2.12 27.04
C ASN C 26 -19.46 3.13 26.06
N GLU C 27 -20.50 2.72 25.34
CA GLU C 27 -21.02 3.58 24.28
C GLU C 27 -21.73 4.81 24.85
N ASN C 28 -22.52 4.63 25.91
CA ASN C 28 -23.22 5.78 26.49
C ASN C 28 -22.24 6.86 26.90
N LYS C 29 -21.19 6.47 27.64
CA LYS C 29 -20.24 7.43 28.19
C LYS C 29 -19.06 7.73 27.27
N GLN C 30 -18.91 6.99 26.17
CA GLN C 30 -17.80 7.21 25.24
C GLN C 30 -16.46 7.13 25.96
N GLN C 31 -16.27 6.05 26.74
CA GLN C 31 -15.06 5.83 27.51
C GLN C 31 -14.53 4.43 27.26
N GLY C 32 -13.22 4.30 27.19
CA GLY C 32 -12.58 3.02 26.96
C GLY C 32 -11.80 2.51 28.15
N PHE C 33 -11.60 1.19 28.22
CA PHE C 33 -10.93 0.56 29.35
C PHE C 33 -10.15 -0.65 28.86
N THR C 34 -8.92 -0.80 29.33
CA THR C 34 -8.10 -1.94 28.97
C THR C 34 -7.07 -2.20 30.05
N ASN C 35 -6.54 -3.42 30.07
CA ASN C 35 -5.48 -3.80 30.99
C ASN C 35 -4.10 -3.42 30.48
N ASN C 36 -3.99 -3.02 29.21
CA ASN C 36 -2.69 -2.83 28.59
C ASN C 36 -2.91 -1.89 27.39
N LEU C 37 -2.74 -0.59 27.63
CA LEU C 37 -2.98 0.38 26.57
C LEU C 37 -2.09 0.12 25.37
N LYS C 38 -0.88 -0.39 25.59
CA LYS C 38 0.05 -0.61 24.48
C LYS C 38 -0.44 -1.75 23.60
N ARG C 39 -0.67 -2.93 24.18
CA ARG C 39 -1.13 -4.06 23.39
C ARG C 39 -2.50 -3.78 22.78
N ALA C 40 -3.32 -2.97 23.44
CA ALA C 40 -4.60 -2.59 22.89
C ALA C 40 -4.45 -1.95 21.52
N ASN C 41 -3.29 -1.35 21.25
CA ASN C 41 -3.02 -0.67 20.00
C ASN C 41 -2.03 -1.42 19.11
N GLN C 42 -1.63 -2.64 19.49
CA GLN C 42 -0.78 -3.43 18.62
C GLN C 42 -1.63 -4.11 17.56
N ALA C 43 -1.18 -4.03 16.31
CA ALA C 43 -1.96 -4.52 15.18
C ALA C 43 -1.49 -5.92 14.83
N PHE C 44 -2.43 -6.84 14.71
CA PHE C 44 -2.15 -8.23 14.39
C PHE C 44 -2.97 -8.63 13.16
N LEU C 45 -2.66 -9.80 12.63
CA LEU C 45 -3.52 -10.40 11.63
C LEU C 45 -4.91 -10.61 12.24
N PRO C 46 -5.98 -10.20 11.55
CA PRO C 46 -7.32 -10.39 12.13
C PRO C 46 -7.78 -11.84 12.10
N ALA C 47 -7.21 -12.67 11.23
CA ALA C 47 -7.64 -14.05 11.05
C ALA C 47 -9.17 -14.10 10.90
N SER C 48 -9.82 -15.06 11.57
CA SER C 48 -11.23 -15.30 11.29
C SER C 48 -12.14 -14.19 11.79
N THR C 49 -11.62 -13.21 12.53
CA THR C 49 -12.42 -12.01 12.80
C THR C 49 -12.69 -11.23 11.53
N PHE C 50 -11.91 -11.50 10.47
CA PHE C 50 -12.09 -10.84 9.19
C PHE C 50 -13.39 -11.26 8.50
N KCX C 51 -14.00 -12.31 9.00
CA KCX C 51 -15.24 -12.81 8.42
CB KCX C 51 -15.62 -14.15 9.03
CG KCX C 51 -14.81 -15.32 8.46
CD KCX C 51 -15.14 -16.64 9.12
CE KCX C 51 -14.37 -17.79 8.49
NZ KCX C 51 -12.93 -17.81 8.90
C KCX C 51 -16.38 -11.80 8.56
O KCX C 51 -17.36 -11.87 7.81
CX KCX C 51 -11.98 -17.32 8.11
OQ1 KCX C 51 -10.80 -17.35 8.47
OQ2 KCX C 51 -12.27 -16.84 7.00
H KCX C 51 -13.74 -12.77 9.69
HA KCX C 51 -15.09 -12.95 7.46
HB2 KCX C 51 -16.56 -14.34 8.86
HG2 KCX C 51 -15.00 -15.40 7.51
HD2 KCX C 51 -16.09 -16.82 9.01
HE2 KCX C 51 -14.77 -18.63 8.76
N ILE C 52 -16.25 -10.86 9.49
CA ILE C 52 -17.25 -9.79 9.63
C ILE C 52 -17.23 -8.89 8.39
N PRO C 53 -16.12 -8.19 8.13
CA PRO C 53 -16.07 -7.38 6.90
C PRO C 53 -16.23 -8.22 5.64
N ASN C 54 -15.67 -9.43 5.63
CA ASN C 54 -15.80 -10.30 4.47
C ASN C 54 -17.26 -10.61 4.17
N SER C 55 -18.05 -10.93 5.21
CA SER C 55 -19.47 -11.15 5.01
C SER C 55 -20.17 -9.91 4.48
N LEU C 56 -19.84 -8.74 5.05
CA LEU C 56 -20.47 -7.50 4.61
C LEU C 56 -20.24 -7.28 3.12
N ILE C 57 -18.99 -7.45 2.67
CA ILE C 57 -18.66 -7.22 1.27
C ILE C 57 -19.37 -8.23 0.38
N ALA C 58 -19.33 -9.51 0.74
CA ALA C 58 -19.95 -10.54 -0.09
C ALA C 58 -21.44 -10.30 -0.24
N LEU C 59 -22.11 -9.89 0.84
CA LEU C 59 -23.54 -9.61 0.78
C LEU C 59 -23.83 -8.41 -0.09
N ASP C 60 -23.08 -7.32 0.10
CA ASP C 60 -23.39 -6.07 -0.60
C ASP C 60 -23.14 -6.19 -2.10
N LEU C 61 -22.21 -7.04 -2.51
CA LEU C 61 -21.90 -7.23 -3.92
C LEU C 61 -22.74 -8.32 -4.58
N GLY C 62 -23.53 -9.05 -3.81
CA GLY C 62 -24.33 -10.13 -4.34
C GLY C 62 -23.62 -11.47 -4.42
N VAL C 63 -22.38 -11.56 -3.95
CA VAL C 63 -21.71 -12.86 -3.88
C VAL C 63 -22.50 -13.81 -2.99
N VAL C 64 -23.08 -13.29 -1.92
CA VAL C 64 -24.02 -14.02 -1.08
C VAL C 64 -25.37 -13.34 -1.20
N LYS C 65 -26.41 -14.11 -1.57
CA LYS C 65 -27.73 -13.53 -1.77
C LYS C 65 -28.39 -13.22 -0.44
N ASP C 66 -28.39 -14.16 0.50
CA ASP C 66 -29.00 -13.95 1.81
C ASP C 66 -28.43 -15.00 2.75
N GLU C 67 -28.96 -15.02 3.98
CA GLU C 67 -28.43 -15.89 5.03
C GLU C 67 -28.87 -17.33 4.89
N HIS C 68 -29.71 -17.66 3.90
CA HIS C 68 -30.16 -19.02 3.67
C HIS C 68 -29.43 -19.71 2.53
N GLN C 69 -28.77 -18.94 1.65
CA GLN C 69 -28.06 -19.52 0.53
C GLN C 69 -27.08 -20.57 1.03
N VAL C 70 -27.09 -21.73 0.38
N VAL C 70 -27.09 -21.73 0.38
CA VAL C 70 -26.30 -22.88 0.80
CA VAL C 70 -26.30 -22.89 0.80
C VAL C 70 -25.07 -22.99 -0.08
C VAL C 70 -25.06 -22.97 -0.08
N PHE C 71 -23.90 -23.11 0.54
CA PHE C 71 -22.62 -23.24 -0.15
C PHE C 71 -22.18 -24.69 -0.04
N LYS C 72 -22.20 -25.40 -1.16
CA LYS C 72 -21.99 -26.84 -1.16
C LYS C 72 -20.57 -27.17 -0.70
N TRP C 73 -20.46 -28.18 0.16
CA TRP C 73 -19.15 -28.71 0.50
C TRP C 73 -18.46 -29.18 -0.78
N ASP C 74 -17.18 -28.82 -0.93
CA ASP C 74 -16.44 -29.15 -2.14
C ASP C 74 -15.90 -30.57 -2.14
N GLY C 75 -16.15 -31.36 -1.09
CA GLY C 75 -15.72 -32.74 -1.05
C GLY C 75 -14.32 -32.99 -0.54
N GLN C 76 -13.55 -31.95 -0.20
CA GLN C 76 -12.22 -32.13 0.36
C GLN C 76 -12.35 -32.31 1.86
N THR C 77 -12.01 -33.51 2.34
CA THR C 77 -12.00 -33.75 3.78
C THR C 77 -10.87 -32.93 4.40
N ARG C 78 -11.23 -32.04 5.30
CA ARG C 78 -10.28 -31.23 6.04
C ARG C 78 -10.29 -31.65 7.50
N ASP C 79 -9.25 -31.22 8.23
CA ASP C 79 -9.09 -31.70 9.60
C ASP C 79 -10.10 -31.10 10.57
N ILE C 80 -11.01 -30.25 10.08
CA ILE C 80 -12.10 -29.71 10.88
C ILE C 80 -13.39 -30.36 10.40
N ALA C 81 -13.97 -31.21 11.24
CA ALA C 81 -15.14 -31.99 10.83
C ALA C 81 -16.28 -31.07 10.38
N THR C 82 -16.58 -30.05 11.16
CA THR C 82 -17.72 -29.18 10.85
C THR C 82 -17.54 -28.44 9.52
N TRP C 83 -16.32 -28.40 8.99
CA TRP C 83 -16.11 -27.82 7.67
C TRP C 83 -16.50 -28.78 6.56
N ASN C 84 -16.58 -30.08 6.84
CA ASN C 84 -16.87 -31.09 5.83
C ASN C 84 -18.38 -31.34 5.74
N ARG C 85 -19.10 -30.26 5.48
CA ARG C 85 -20.55 -30.32 5.33
C ARG C 85 -21.02 -29.03 4.67
N ASP C 86 -22.29 -29.02 4.28
CA ASP C 86 -22.87 -27.82 3.68
C ASP C 86 -23.06 -26.74 4.74
N HIS C 87 -23.05 -25.49 4.30
CA HIS C 87 -23.17 -24.36 5.20
C HIS C 87 -23.95 -23.23 4.55
N ASN C 88 -24.58 -22.42 5.40
CA ASN C 88 -25.06 -21.09 5.04
C ASN C 88 -24.22 -20.06 5.77
N LEU C 89 -24.56 -18.78 5.58
CA LEU C 89 -23.75 -17.72 6.18
C LEU C 89 -23.72 -17.83 7.69
N ILE C 90 -24.86 -18.16 8.30
CA ILE C 90 -24.93 -18.26 9.76
C ILE C 90 -24.04 -19.40 10.26
N THR C 91 -24.17 -20.58 9.67
CA THR C 91 -23.38 -21.71 10.12
C THR C 91 -21.91 -21.54 9.74
N ALA C 92 -21.62 -20.87 8.63
CA ALA C 92 -20.23 -20.63 8.25
C ALA C 92 -19.53 -19.73 9.26
N MET C 93 -20.23 -18.73 9.79
N MET C 93 -20.23 -18.71 9.77
CA MET C 93 -19.65 -17.88 10.82
CA MET C 93 -19.67 -17.87 10.83
C MET C 93 -19.58 -18.62 12.16
C MET C 93 -19.56 -18.65 12.13
N LYS C 94 -20.60 -19.40 12.48
CA LYS C 94 -20.63 -20.12 13.75
C LYS C 94 -19.47 -21.10 13.85
N TYR C 95 -19.19 -21.84 12.77
CA TYR C 95 -18.12 -22.82 12.76
C TYR C 95 -16.86 -22.32 12.07
N SER C 96 -16.78 -21.02 11.81
CA SER C 96 -15.60 -20.38 11.23
C SER C 96 -15.04 -21.21 10.08
N VAL C 97 -15.85 -21.36 9.04
CA VAL C 97 -15.54 -22.28 7.94
C VAL C 97 -14.69 -21.50 6.94
N VAL C 98 -13.37 -21.57 7.13
CA VAL C 98 -12.44 -20.86 6.26
C VAL C 98 -12.71 -21.12 4.79
N PRO C 99 -12.85 -22.37 4.32
CA PRO C 99 -13.00 -22.59 2.86
C PRO C 99 -14.19 -21.88 2.25
N VAL C 100 -15.28 -21.68 2.99
CA VAL C 100 -16.42 -20.95 2.44
C VAL C 100 -16.04 -19.50 2.18
N TYR C 101 -15.37 -18.86 3.14
CA TYR C 101 -15.02 -17.45 2.98
C TYR C 101 -13.88 -17.24 1.99
N GLN C 102 -13.04 -18.25 1.78
CA GLN C 102 -12.03 -18.15 0.73
C GLN C 102 -12.69 -18.06 -0.64
N GLU C 103 -13.76 -18.85 -0.85
CA GLU C 103 -14.51 -18.74 -2.10
C GLU C 103 -15.17 -17.38 -2.22
N PHE C 104 -15.74 -16.87 -1.12
CA PHE C 104 -16.25 -15.51 -1.09
C PHE C 104 -15.22 -14.52 -1.62
N ALA C 105 -14.00 -14.57 -1.05
CA ALA C 105 -12.97 -13.59 -1.40
C ALA C 105 -12.59 -13.70 -2.87
N ARG C 106 -12.48 -14.92 -3.39
CA ARG C 106 -12.10 -15.10 -4.79
C ARG C 106 -13.10 -14.44 -5.73
N GLN C 107 -14.39 -14.53 -5.41
CA GLN C 107 -15.41 -13.93 -6.24
C GLN C 107 -15.47 -12.42 -6.04
N ILE C 108 -15.12 -11.94 -4.85
CA ILE C 108 -15.00 -10.50 -4.62
C ILE C 108 -13.87 -9.91 -5.46
N GLY C 109 -12.71 -10.57 -5.43
CA GLY C 109 -11.56 -10.09 -6.18
C GLY C 109 -10.74 -9.08 -5.41
N GLU C 110 -9.47 -8.98 -5.79
CA GLU C 110 -8.54 -8.12 -5.07
C GLU C 110 -9.00 -6.66 -5.11
N ALA C 111 -9.40 -6.18 -6.29
CA ALA C 111 -9.70 -4.76 -6.45
C ALA C 111 -10.86 -4.34 -5.55
N ARG C 112 -11.96 -5.08 -5.59
CA ARG C 112 -13.13 -4.70 -4.80
C ARG C 112 -12.87 -4.92 -3.31
N MET C 113 -12.17 -6.00 -2.96
CA MET C 113 -11.78 -6.21 -1.57
C MET C 113 -10.97 -5.03 -1.06
N SER C 114 -9.98 -4.59 -1.83
CA SER C 114 -9.13 -3.49 -1.41
C SER C 114 -9.95 -2.21 -1.25
N LYS C 115 -10.82 -1.92 -2.22
CA LYS C 115 -11.63 -0.71 -2.16
C LYS C 115 -12.53 -0.70 -0.93
N MET C 116 -13.16 -1.84 -0.64
N MET C 116 -13.14 -1.84 -0.61
CA MET C 116 -14.08 -1.94 0.48
CA MET C 116 -14.10 -1.87 0.49
C MET C 116 -13.38 -1.68 1.81
C MET C 116 -13.41 -1.73 1.84
N LEU C 117 -12.22 -2.30 2.00
CA LEU C 117 -11.51 -2.15 3.27
C LEU C 117 -11.03 -0.73 3.48
N HIS C 118 -10.73 -0.01 2.40
CA HIS C 118 -10.45 1.42 2.52
C HIS C 118 -11.69 2.18 2.94
N ALA C 119 -12.83 1.87 2.33
CA ALA C 119 -14.09 2.50 2.74
C ALA C 119 -14.42 2.19 4.19
N PHE C 120 -14.05 1.00 4.68
CA PHE C 120 -14.30 0.64 6.07
C PHE C 120 -13.27 1.24 7.03
N ASP C 121 -12.19 1.83 6.52
CA ASP C 121 -11.09 2.31 7.36
C ASP C 121 -10.57 1.18 8.25
N TYR C 122 -10.47 -0.01 7.66
CA TYR C 122 -10.25 -1.25 8.41
C TYR C 122 -8.75 -1.51 8.55
N GLY C 123 -8.25 -1.42 9.78
CA GLY C 123 -6.85 -1.72 10.04
C GLY C 123 -5.91 -0.93 9.17
N ASN C 124 -4.86 -1.59 8.68
CA ASN C 124 -3.89 -0.95 7.81
C ASN C 124 -4.31 -0.98 6.35
N GLU C 125 -5.47 -1.55 6.03
CA GLU C 125 -6.04 -1.51 4.68
C GLU C 125 -5.14 -2.18 3.65
N ASP C 126 -4.28 -3.10 4.08
CA ASP C 126 -3.30 -3.73 3.21
C ASP C 126 -3.70 -5.19 3.01
N ILE C 127 -4.11 -5.53 1.79
CA ILE C 127 -4.55 -6.88 1.47
C ILE C 127 -3.45 -7.69 0.75
N SER C 128 -2.20 -7.27 0.87
N SER C 128 -2.19 -7.28 0.88
CA SER C 128 -1.14 -7.94 0.11
CA SER C 128 -1.10 -7.95 0.19
C SER C 128 -1.06 -9.41 0.50
C SER C 128 -1.09 -9.44 0.52
N GLY C 129 -0.86 -10.25 -0.51
CA GLY C 129 -0.88 -11.70 -0.34
C GLY C 129 -1.91 -12.34 -1.25
N ASN C 130 -2.27 -13.58 -0.97
CA ASN C 130 -3.33 -14.23 -1.74
C ASN C 130 -4.68 -13.65 -1.36
N VAL C 131 -5.49 -13.34 -2.38
CA VAL C 131 -6.80 -12.73 -2.15
C VAL C 131 -7.63 -13.61 -1.23
N ASP C 132 -7.36 -14.92 -1.20
CA ASP C 132 -8.14 -15.88 -0.42
C ASP C 132 -7.44 -16.31 0.86
N SER C 133 -6.42 -15.58 1.31
CA SER C 133 -5.78 -15.93 2.58
C SER C 133 -5.05 -14.76 3.23
N PHE C 134 -5.17 -13.55 2.69
CA PHE C 134 -4.36 -12.45 3.21
C PHE C 134 -4.68 -12.15 4.67
N TRP C 135 -5.92 -12.42 5.10
CA TRP C 135 -6.28 -12.18 6.49
C TRP C 135 -5.75 -13.26 7.44
N LEU C 136 -5.16 -14.33 6.90
CA LEU C 136 -4.53 -15.38 7.70
C LEU C 136 -3.01 -15.37 7.62
N ASP C 137 -2.44 -14.98 6.48
CA ASP C 137 -0.99 -14.98 6.34
C ASP C 137 -0.51 -13.87 5.40
N GLY C 138 -1.30 -12.82 5.20
CA GLY C 138 -0.92 -11.69 4.39
C GLY C 138 -0.48 -10.51 5.22
N GLY C 139 -0.63 -9.32 4.66
CA GLY C 139 -0.13 -8.09 5.26
C GLY C 139 -1.12 -7.28 6.06
N ILE C 140 -2.39 -7.67 6.12
CA ILE C 140 -3.37 -6.85 6.81
C ILE C 140 -3.16 -6.94 8.32
N ARG C 141 -3.29 -5.81 9.00
CA ARG C 141 -3.08 -5.74 10.43
C ARG C 141 -4.12 -4.81 11.03
N ILE C 142 -4.58 -5.16 12.23
CA ILE C 142 -5.61 -4.39 12.91
C ILE C 142 -5.41 -4.59 14.41
N SER C 143 -5.64 -3.52 15.17
CA SER C 143 -5.51 -3.55 16.62
C SER C 143 -6.88 -3.73 17.26
N ALA C 144 -6.85 -4.04 18.56
CA ALA C 144 -8.10 -4.19 19.31
C ALA C 144 -8.93 -2.92 19.26
N THR C 145 -8.30 -1.76 19.49
CA THR C 145 -9.03 -0.50 19.43
C THR C 145 -9.56 -0.24 18.03
N GLU C 146 -8.81 -0.64 17.00
CA GLU C 146 -9.28 -0.47 15.63
C GLU C 146 -10.45 -1.41 15.33
N GLN C 147 -10.46 -2.59 15.95
CA GLN C 147 -11.62 -3.48 15.83
C GLN C 147 -12.88 -2.82 16.39
N ILE C 148 -12.77 -2.24 17.59
CA ILE C 148 -13.94 -1.60 18.21
C ILE C 148 -14.45 -0.46 17.34
N SER C 149 -13.55 0.37 16.83
N SER C 149 -13.54 0.38 16.83
CA SER C 149 -13.97 1.47 15.97
CA SER C 149 -13.96 1.48 15.97
C SER C 149 -14.76 0.96 14.79
C SER C 149 -14.76 0.96 14.79
N PHE C 150 -14.28 -0.11 14.16
CA PHE C 150 -15.01 -0.70 13.03
C PHE C 150 -16.36 -1.25 13.47
N LEU C 151 -16.39 -1.95 14.60
CA LEU C 151 -17.64 -2.55 15.06
C LEU C 151 -18.67 -1.48 15.41
N ARG C 152 -18.21 -0.36 15.99
CA ARG C 152 -19.14 0.71 16.33
C ARG C 152 -19.89 1.21 15.10
N LYS C 153 -19.18 1.40 13.99
CA LYS C 153 -19.84 1.78 12.76
C LYS C 153 -20.88 0.73 12.35
N LEU C 154 -20.50 -0.54 12.44
CA LEU C 154 -21.42 -1.63 12.10
C LEU C 154 -22.68 -1.57 12.97
N TYR C 155 -22.50 -1.41 14.28
CA TYR C 155 -23.66 -1.36 15.17
C TYR C 155 -24.61 -0.25 14.77
N HIS C 156 -24.07 0.91 14.38
CA HIS C 156 -24.88 2.07 14.02
C HIS C 156 -25.25 2.09 12.54
N ASN C 157 -24.97 1.01 11.81
CA ASN C 157 -25.27 0.95 10.38
C ASN C 157 -24.57 2.07 9.61
N LYS C 158 -23.36 2.43 10.04
CA LYS C 158 -22.64 3.56 9.47
C LYS C 158 -21.57 3.14 8.45
N LEU C 159 -21.34 1.85 8.24
CA LEU C 159 -20.41 1.43 7.22
C LEU C 159 -21.00 1.69 5.83
N HIS C 160 -20.12 1.79 4.84
CA HIS C 160 -20.51 2.13 3.48
C HIS C 160 -20.95 0.88 2.71
N VAL C 161 -21.96 0.22 3.28
CA VAL C 161 -22.72 -0.83 2.62
C VAL C 161 -24.18 -0.64 3.04
N SER C 162 -25.07 -1.37 2.39
CA SER C 162 -26.49 -1.16 2.64
C SER C 162 -26.83 -1.55 4.08
N GLU C 163 -27.92 -0.94 4.57
CA GLU C 163 -28.43 -1.31 5.89
C GLU C 163 -28.74 -2.80 5.94
N ARG C 164 -29.33 -3.33 4.87
CA ARG C 164 -29.67 -4.75 4.83
C ARG C 164 -28.43 -5.61 5.08
N SER C 165 -27.33 -5.33 4.36
CA SER C 165 -26.12 -6.12 4.53
C SER C 165 -25.62 -6.08 5.97
N GLN C 166 -25.69 -4.90 6.60
CA GLN C 166 -25.20 -4.79 7.97
C GLN C 166 -26.13 -5.50 8.95
N ARG C 167 -27.44 -5.41 8.73
CA ARG C 167 -28.38 -6.13 9.59
C ARG C 167 -28.16 -7.63 9.48
N ILE C 168 -27.88 -8.13 8.28
CA ILE C 168 -27.68 -9.57 8.10
C ILE C 168 -26.45 -10.03 8.87
N VAL C 169 -25.34 -9.31 8.74
CA VAL C 169 -24.10 -9.72 9.39
C VAL C 169 -24.26 -9.67 10.91
N LYS C 170 -24.95 -8.64 11.42
CA LYS C 170 -25.16 -8.58 12.86
C LYS C 170 -25.98 -9.77 13.34
N GLN C 171 -26.94 -10.22 12.52
CA GLN C 171 -27.65 -11.44 12.82
C GLN C 171 -26.70 -12.63 12.88
N ALA C 172 -25.85 -12.78 11.86
CA ALA C 172 -24.90 -13.89 11.82
C ALA C 172 -23.88 -13.82 12.95
N MET C 173 -23.65 -12.64 13.52
CA MET C 173 -22.72 -12.50 14.63
C MET C 173 -23.34 -12.95 15.96
N LEU C 174 -24.64 -13.22 16.00
CA LEU C 174 -25.30 -13.62 17.22
C LEU C 174 -24.60 -14.83 17.83
N THR C 175 -24.20 -14.69 19.09
CA THR C 175 -23.45 -15.73 19.79
C THR C 175 -24.15 -16.20 21.05
N GLU C 176 -24.73 -15.30 21.83
CA GLU C 176 -25.40 -15.68 23.07
C GLU C 176 -26.45 -14.63 23.41
N ALA C 177 -27.57 -15.08 23.96
CA ALA C 177 -28.64 -14.18 24.36
C ALA C 177 -29.43 -14.82 25.50
N ASN C 178 -29.70 -14.05 26.54
CA ASN C 178 -30.53 -14.50 27.65
C ASN C 178 -31.30 -13.29 28.18
N GLY C 179 -31.93 -13.46 29.34
CA GLY C 179 -32.70 -12.38 29.92
C GLY C 179 -31.86 -11.19 30.36
N ASP C 180 -30.54 -11.34 30.42
CA ASP C 180 -29.66 -10.30 30.93
C ASP C 180 -28.86 -9.59 29.86
N TYR C 181 -28.46 -10.26 28.78
CA TYR C 181 -27.63 -9.61 27.78
C TYR C 181 -27.75 -10.36 26.45
N ILE C 182 -27.28 -9.67 25.41
CA ILE C 182 -27.09 -10.26 24.08
C ILE C 182 -25.65 -9.99 23.68
N ILE C 183 -24.97 -11.02 23.15
CA ILE C 183 -23.61 -10.89 22.67
C ILE C 183 -23.59 -11.19 21.17
N ARG C 184 -23.07 -10.24 20.39
CA ARG C 184 -22.78 -10.45 18.98
C ARG C 184 -21.27 -10.29 18.81
N ALA C 185 -20.62 -11.31 18.28
CA ALA C 185 -19.16 -11.36 18.32
C ALA C 185 -18.66 -12.37 17.30
N LYS C 186 -17.33 -12.37 17.11
CA LYS C 186 -16.66 -13.31 16.24
C LYS C 186 -15.32 -13.68 16.84
N THR C 187 -15.02 -14.98 16.81
CA THR C 187 -13.73 -15.48 17.26
C THR C 187 -12.71 -15.43 16.14
N GLY C 188 -11.45 -15.48 16.52
CA GLY C 188 -10.36 -15.54 15.56
C GLY C 188 -9.21 -16.34 16.12
N TYR C 189 -8.49 -17.01 15.23
CA TYR C 189 -7.35 -17.82 15.63
C TYR C 189 -6.28 -17.66 14.55
N SER C 190 -5.20 -16.95 14.89
CA SER C 190 -4.11 -16.70 13.94
C SER C 190 -2.99 -17.69 14.27
N THR C 191 -2.74 -18.61 13.33
CA THR C 191 -1.77 -19.68 13.53
C THR C 191 -0.68 -19.74 12.49
N ARG C 192 -0.84 -19.06 11.35
CA ARG C 192 0.08 -19.23 10.24
C ARG C 192 1.34 -18.39 10.36
N ILE C 193 1.28 -17.29 11.11
CA ILE C 193 2.42 -16.39 11.28
C ILE C 193 2.53 -16.00 12.75
N GLU C 194 3.75 -15.95 13.26
CA GLU C 194 3.97 -15.60 14.65
C GLU C 194 3.65 -14.12 14.88
N PRO C 195 3.16 -13.76 16.08
CA PRO C 195 2.86 -14.66 17.20
C PRO C 195 1.48 -15.29 17.06
N LYS C 196 1.35 -16.56 17.45
CA LYS C 196 0.05 -17.23 17.42
C LYS C 196 -0.84 -16.63 18.49
N ILE C 197 -2.01 -16.12 18.10
CA ILE C 197 -2.91 -15.43 19.02
C ILE C 197 -4.35 -15.86 18.74
N GLY C 198 -5.19 -15.65 19.75
CA GLY C 198 -6.63 -15.80 19.60
C GLY C 198 -7.32 -14.45 19.72
N TRP C 199 -8.41 -14.28 18.96
CA TRP C 199 -9.22 -13.08 18.98
C TRP C 199 -10.62 -13.37 19.55
N TRP C 200 -11.23 -12.33 20.11
CA TRP C 200 -12.68 -12.29 20.28
C TRP C 200 -13.11 -10.83 20.28
N VAL C 201 -13.95 -10.45 19.32
CA VAL C 201 -14.38 -9.07 19.16
C VAL C 201 -15.89 -9.04 18.94
N GLY C 202 -16.54 -8.01 19.47
CA GLY C 202 -17.97 -7.83 19.31
C GLY C 202 -18.53 -6.83 20.29
N TRP C 203 -19.76 -7.04 20.78
CA TRP C 203 -20.32 -6.13 21.76
C TRP C 203 -21.37 -6.85 22.61
N VAL C 204 -21.64 -6.26 23.77
CA VAL C 204 -22.61 -6.77 24.72
C VAL C 204 -23.76 -5.78 24.75
N GLU C 205 -24.94 -6.21 24.31
CA GLU C 205 -26.12 -5.38 24.35
C GLU C 205 -26.83 -5.52 25.69
N LEU C 206 -27.05 -4.40 26.36
CA LEU C 206 -27.86 -4.34 27.57
C LEU C 206 -29.14 -3.56 27.29
N ASP C 207 -30.01 -3.52 28.30
CA ASP C 207 -31.27 -2.81 28.15
C ASP C 207 -31.04 -1.35 27.79
N ASP C 208 -30.04 -0.71 28.41
CA ASP C 208 -29.88 0.74 28.32
C ASP C 208 -28.45 1.14 27.94
N ASN C 209 -27.68 0.25 27.34
CA ASN C 209 -26.31 0.58 26.95
C ASN C 209 -25.77 -0.55 26.11
N VAL C 210 -24.59 -0.31 25.51
N VAL C 210 -24.60 -0.29 25.52
CA VAL C 210 -23.89 -1.33 24.74
CA VAL C 210 -23.87 -1.27 24.71
C VAL C 210 -22.41 -1.21 25.03
C VAL C 210 -22.40 -1.19 25.08
N TRP C 211 -21.78 -2.34 25.32
CA TRP C 211 -20.36 -2.42 25.65
C TRP C 211 -19.66 -3.15 24.50
N PHE C 212 -18.87 -2.44 23.72
CA PHE C 212 -18.05 -3.08 22.71
C PHE C 212 -16.79 -3.64 23.34
N PHE C 213 -16.32 -4.77 22.81
CA PHE C 213 -15.12 -5.40 23.34
C PHE C 213 -14.26 -5.95 22.22
N ALA C 214 -12.97 -6.02 22.48
CA ALA C 214 -12.01 -6.63 21.56
C ALA C 214 -10.85 -7.14 22.40
N MET C 215 -10.56 -8.43 22.28
CA MET C 215 -9.49 -9.05 23.06
C MET C 215 -8.65 -9.92 22.16
N ASN C 216 -7.34 -9.94 22.41
CA ASN C 216 -6.47 -10.93 21.84
C ASN C 216 -5.51 -11.43 22.90
N MET C 217 -4.97 -12.63 22.68
CA MET C 217 -4.13 -13.28 23.66
C MET C 217 -3.20 -14.25 22.94
N ASP C 218 -2.01 -14.44 23.49
CA ASP C 218 -1.09 -15.43 22.95
C ASP C 218 -1.72 -16.82 23.03
N MET C 219 -1.56 -17.59 21.96
CA MET C 219 -2.25 -18.87 21.80
C MET C 219 -1.31 -19.87 21.14
N PRO C 220 -0.28 -20.33 21.87
CA PRO C 220 0.67 -21.26 21.27
C PRO C 220 0.07 -22.61 20.91
N THR C 221 -1.06 -22.99 21.52
CA THR C 221 -1.73 -24.23 21.19
C THR C 221 -3.23 -23.99 21.22
N SER C 222 -3.96 -24.83 20.47
CA SER C 222 -5.42 -24.72 20.39
C SER C 222 -6.11 -25.06 21.72
N ASP C 223 -5.39 -25.60 22.70
CA ASP C 223 -6.03 -26.00 23.95
C ASP C 223 -6.58 -24.81 24.71
N GLY C 224 -6.02 -23.63 24.51
CA GLY C 224 -6.43 -22.45 25.25
C GLY C 224 -7.47 -21.60 24.57
N LEU C 225 -8.06 -22.07 23.48
CA LEU C 225 -8.99 -21.24 22.72
C LEU C 225 -10.20 -20.83 23.56
N GLY C 226 -10.66 -21.73 24.43
CA GLY C 226 -11.79 -21.41 25.30
C GLY C 226 -11.52 -20.25 26.25
N LEU C 227 -10.24 -19.91 26.46
CA LEU C 227 -9.91 -18.80 27.35
C LEU C 227 -10.31 -17.46 26.78
N ARG C 228 -10.44 -17.35 25.45
CA ARG C 228 -10.83 -16.08 24.84
C ARG C 228 -12.17 -15.60 25.41
N GLN C 229 -13.18 -16.47 25.41
CA GLN C 229 -14.48 -16.08 25.97
C GLN C 229 -14.43 -16.04 27.49
N ALA C 230 -13.77 -17.02 28.11
CA ALA C 230 -13.79 -17.13 29.56
C ALA C 230 -13.12 -15.91 30.21
N ILE C 231 -11.94 -15.53 29.72
CA ILE C 231 -11.25 -14.37 30.28
C ILE C 231 -12.06 -13.10 30.05
N THR C 232 -12.60 -12.95 28.83
CA THR C 232 -13.43 -11.79 28.54
C THR C 232 -14.59 -11.68 29.52
N LYS C 233 -15.29 -12.80 29.77
CA LYS C 233 -16.43 -12.77 30.67
C LYS C 233 -16.03 -12.49 32.11
N GLU C 234 -14.86 -12.97 32.53
CA GLU C 234 -14.39 -12.66 33.87
C GLU C 234 -14.22 -11.14 34.05
N VAL C 235 -13.71 -10.46 33.02
CA VAL C 235 -13.61 -9.01 33.06
C VAL C 235 -15.01 -8.40 33.08
N LEU C 236 -15.90 -8.88 32.22
CA LEU C 236 -17.26 -8.35 32.16
C LEU C 236 -17.94 -8.49 33.52
N LYS C 237 -17.82 -9.67 34.14
CA LYS C 237 -18.40 -9.86 35.46
C LYS C 237 -17.78 -8.91 36.47
N GLN C 238 -16.45 -8.80 36.47
CA GLN C 238 -15.77 -7.89 37.40
C GLN C 238 -16.32 -6.48 37.27
N GLU C 239 -16.52 -6.01 36.04
CA GLU C 239 -17.03 -4.68 35.81
C GLU C 239 -18.55 -4.58 35.93
N LYS C 240 -19.19 -5.64 36.45
CA LYS C 240 -20.62 -5.62 36.70
C LYS C 240 -21.42 -5.31 35.44
N ILE C 241 -20.89 -5.72 34.29
CA ILE C 241 -21.59 -5.56 33.02
C ILE C 241 -22.52 -6.73 32.78
N ILE C 242 -22.12 -7.93 33.18
CA ILE C 242 -22.97 -9.10 33.17
C ILE C 242 -22.95 -9.70 34.57
N PRO C 243 -24.01 -10.45 34.94
CA PRO C 243 -24.05 -11.00 36.31
C PRO C 243 -22.95 -12.03 36.56
N GLU D 2 -22.39 31.83 -12.75
CA GLU D 2 -21.52 31.58 -11.61
C GLU D 2 -21.36 30.10 -11.28
N TRP D 3 -20.17 29.73 -10.83
CA TRP D 3 -19.85 28.35 -10.49
C TRP D 3 -19.30 28.29 -9.08
N GLN D 4 -19.60 27.20 -8.39
CA GLN D 4 -19.14 26.98 -7.02
C GLN D 4 -18.58 25.57 -6.92
N GLU D 5 -17.47 25.44 -6.21
CA GLU D 5 -16.77 24.17 -6.08
C GLU D 5 -17.03 23.57 -4.71
N ASN D 6 -17.31 22.27 -4.68
CA ASN D 6 -17.68 21.55 -3.46
C ASN D 6 -16.86 20.26 -3.44
N LYS D 7 -15.66 20.35 -2.86
CA LYS D 7 -14.74 19.23 -2.83
C LYS D 7 -15.22 18.08 -1.95
N SER D 8 -16.32 18.27 -1.21
CA SER D 8 -16.87 17.19 -0.40
C SER D 8 -17.37 16.04 -1.26
N TRP D 9 -17.80 16.32 -2.48
CA TRP D 9 -18.26 15.25 -3.37
C TRP D 9 -17.13 14.29 -3.73
N ASN D 10 -15.87 14.73 -3.63
CA ASN D 10 -14.75 13.85 -3.94
C ASN D 10 -14.80 12.57 -3.10
N ALA D 11 -15.41 12.65 -1.92
CA ALA D 11 -15.53 11.46 -1.08
C ALA D 11 -16.26 10.34 -1.82
N HIS D 12 -17.23 10.71 -2.65
CA HIS D 12 -18.00 9.70 -3.37
C HIS D 12 -17.14 9.00 -4.43
N PHE D 13 -16.20 9.71 -5.04
CA PHE D 13 -15.24 9.07 -5.94
C PHE D 13 -14.18 8.31 -5.15
N THR D 14 -13.72 8.90 -4.04
CA THR D 14 -12.68 8.25 -3.24
C THR D 14 -13.17 6.97 -2.60
N GLU D 15 -14.47 6.87 -2.32
CA GLU D 15 -15.02 5.66 -1.73
C GLU D 15 -14.71 4.43 -2.57
N HIS D 16 -14.43 4.61 -3.86
CA HIS D 16 -14.12 3.51 -4.77
C HIS D 16 -12.72 3.62 -5.35
N LYS D 17 -11.84 4.43 -4.74
CA LYS D 17 -10.52 4.70 -5.31
C LYS D 17 -10.67 5.10 -6.77
N SER D 18 -11.56 6.05 -6.99
CA SER D 18 -11.89 6.53 -8.32
C SER D 18 -11.58 8.02 -8.44
N GLN D 19 -11.58 8.50 -9.67
CA GLN D 19 -11.42 9.91 -9.94
C GLN D 19 -12.39 10.31 -11.05
N GLY D 20 -12.98 11.47 -10.90
CA GLY D 20 -13.91 11.96 -11.90
C GLY D 20 -14.52 13.28 -11.46
N VAL D 21 -15.54 13.69 -12.20
CA VAL D 21 -16.20 14.96 -11.95
C VAL D 21 -17.70 14.77 -12.07
N VAL D 22 -18.45 15.45 -11.21
CA VAL D 22 -19.89 15.62 -11.37
C VAL D 22 -20.14 17.12 -11.50
N VAL D 23 -20.91 17.50 -12.50
CA VAL D 23 -21.29 18.89 -12.72
C VAL D 23 -22.80 18.99 -12.67
N LEU D 24 -23.30 19.87 -11.81
CA LEU D 24 -24.73 20.11 -11.69
C LEU D 24 -25.03 21.56 -12.07
N TRP D 25 -26.18 21.77 -12.69
CA TRP D 25 -26.64 23.11 -13.04
C TRP D 25 -28.08 23.29 -12.57
N ASN D 26 -28.30 24.27 -11.71
CA ASN D 26 -29.64 24.62 -11.23
C ASN D 26 -30.24 25.61 -12.23
N GLU D 27 -31.28 25.17 -12.94
CA GLU D 27 -31.84 25.99 -14.02
C GLU D 27 -32.57 27.20 -13.47
N ASN D 28 -33.35 27.04 -12.42
CA ASN D 28 -34.08 28.17 -11.84
C ASN D 28 -33.11 29.28 -11.42
N LYS D 29 -32.07 28.92 -10.69
CA LYS D 29 -31.14 29.88 -10.13
C LYS D 29 -29.97 30.21 -11.06
N GLN D 30 -29.82 29.48 -12.17
CA GLN D 30 -28.73 29.72 -13.10
C GLN D 30 -27.38 29.67 -12.38
N GLN D 31 -27.21 28.61 -11.59
CA GLN D 31 -26.00 28.41 -10.80
C GLN D 31 -25.47 27.00 -11.04
N GLY D 32 -24.15 26.88 -11.10
CA GLY D 32 -23.51 25.59 -11.32
C GLY D 32 -22.75 25.12 -10.10
N PHE D 33 -22.55 23.81 -10.00
CA PHE D 33 -21.88 23.20 -8.86
C PHE D 33 -21.09 22.00 -9.35
N THR D 34 -19.85 21.87 -8.87
CA THR D 34 -19.01 20.76 -9.25
C THR D 34 -17.97 20.51 -8.17
N ASN D 35 -17.45 19.30 -8.15
CA ASN D 35 -16.38 18.94 -7.21
C ASN D 35 -15.01 19.31 -7.73
N ASN D 36 -14.88 19.68 -9.00
CA ASN D 36 -13.58 19.86 -9.62
C ASN D 36 -13.78 20.76 -10.85
N LEU D 37 -13.60 22.07 -10.63
CA LEU D 37 -13.80 23.03 -11.72
C LEU D 37 -12.90 22.74 -12.90
N LYS D 38 -11.70 22.23 -12.65
CA LYS D 38 -10.74 21.98 -13.71
C LYS D 38 -11.19 20.83 -14.62
N ARG D 39 -11.48 19.66 -14.03
CA ARG D 39 -11.95 18.55 -14.84
C ARG D 39 -13.31 18.85 -15.47
N ALA D 40 -14.13 19.66 -14.81
CA ALA D 40 -15.42 20.05 -15.37
C ALA D 40 -15.30 20.70 -16.73
N ASN D 41 -14.14 21.29 -17.03
CA ASN D 41 -13.90 21.95 -18.30
C ASN D 41 -12.93 21.17 -19.19
N GLN D 42 -12.55 19.96 -18.79
CA GLN D 42 -11.68 19.13 -19.60
C GLN D 42 -12.50 18.41 -20.65
N ALA D 43 -12.02 18.43 -21.89
CA ALA D 43 -12.77 17.92 -23.03
C ALA D 43 -12.32 16.50 -23.34
N PHE D 44 -13.29 15.60 -23.51
CA PHE D 44 -13.02 14.19 -23.79
C PHE D 44 -13.78 13.78 -25.05
N LEU D 45 -13.44 12.60 -25.55
CA LEU D 45 -14.26 11.96 -26.57
C LEU D 45 -15.66 11.75 -26.00
N PRO D 46 -16.72 12.11 -26.72
CA PRO D 46 -18.08 11.93 -26.17
C PRO D 46 -18.53 10.49 -26.12
N ALA D 47 -17.93 9.60 -26.92
CA ALA D 47 -18.39 8.23 -27.03
C ALA D 47 -19.89 8.20 -27.25
N SER D 48 -20.61 7.29 -26.57
CA SER D 48 -22.02 7.09 -26.86
C SER D 48 -22.91 8.23 -26.39
N THR D 49 -22.38 9.21 -25.64
CA THR D 49 -23.17 10.41 -25.40
C THR D 49 -23.43 11.18 -26.68
N PHE D 50 -22.65 10.91 -27.73
CA PHE D 50 -22.85 11.51 -29.04
C PHE D 50 -24.11 10.99 -29.72
N KCX D 51 -24.75 9.99 -29.13
CA KCX D 51 -25.97 9.46 -29.72
CB KCX D 51 -26.34 8.10 -29.11
CG KCX D 51 -25.53 6.95 -29.68
CD KCX D 51 -25.87 5.62 -29.03
CE KCX D 51 -25.08 4.48 -29.68
NZ KCX D 51 -23.67 4.52 -29.23
C KCX D 51 -27.12 10.45 -29.55
O KCX D 51 -28.15 10.34 -30.23
CX KCX D 51 -22.72 5.08 -29.99
OQ1 KCX D 51 -21.54 5.11 -29.58
OQ2 KCX D 51 -23.00 5.56 -31.10
H KCX D 51 -24.50 9.61 -28.40
HA KCX D 51 -25.83 9.32 -30.68
HB2 KCX D 51 -27.28 7.93 -29.27
HG2 KCX D 51 -25.72 6.87 -30.63
HD2 KCX D 51 -25.63 5.65 -28.10
HE2 KCX D 51 -25.09 4.60 -30.65
N ILE D 52 -26.95 11.44 -28.68
CA ILE D 52 -27.95 12.51 -28.57
C ILE D 52 -27.88 13.37 -29.84
N PRO D 53 -26.75 14.03 -30.11
CA PRO D 53 -26.67 14.84 -31.34
C PRO D 53 -26.87 14.01 -32.60
N ASN D 54 -26.33 12.79 -32.63
CA ASN D 54 -26.50 11.94 -33.81
C ASN D 54 -27.97 11.66 -34.09
N SER D 55 -28.74 11.35 -33.04
CA SER D 55 -30.18 11.11 -33.20
C SER D 55 -30.89 12.34 -33.74
N LEU D 56 -30.57 13.51 -33.19
CA LEU D 56 -31.19 14.75 -33.65
C LEU D 56 -30.96 14.97 -35.13
N ILE D 57 -29.71 14.82 -35.57
CA ILE D 57 -29.36 15.08 -36.96
C ILE D 57 -30.07 14.08 -37.88
N ALA D 58 -30.04 12.80 -37.50
CA ALA D 58 -30.68 11.78 -38.33
C ALA D 58 -32.17 12.04 -38.48
N LEU D 59 -32.84 12.44 -37.41
CA LEU D 59 -34.26 12.72 -37.48
C LEU D 59 -34.56 13.94 -38.35
N ASP D 60 -33.81 15.02 -38.15
CA ASP D 60 -34.11 16.26 -38.85
C ASP D 60 -33.87 16.12 -40.35
N LEU D 61 -32.95 15.25 -40.75
CA LEU D 61 -32.65 15.04 -42.15
C LEU D 61 -33.50 13.93 -42.78
N GLY D 62 -34.28 13.21 -41.99
CA GLY D 62 -35.09 12.13 -42.50
C GLY D 62 -34.38 10.78 -42.58
N VAL D 63 -33.13 10.69 -42.13
CA VAL D 63 -32.47 9.39 -42.05
C VAL D 63 -33.26 8.45 -41.14
N VAL D 64 -33.83 9.01 -40.07
CA VAL D 64 -34.76 8.27 -39.21
C VAL D 64 -36.12 8.95 -39.34
N LYS D 65 -37.14 8.17 -39.71
CA LYS D 65 -38.47 8.74 -39.93
C LYS D 65 -39.13 9.07 -38.59
N ASP D 66 -39.11 8.14 -37.65
CA ASP D 66 -39.70 8.34 -36.33
C ASP D 66 -39.14 7.29 -35.39
N GLU D 67 -39.65 7.26 -34.16
CA GLU D 67 -39.11 6.38 -33.13
C GLU D 67 -39.57 4.93 -33.29
N HIS D 68 -40.39 4.62 -34.29
CA HIS D 68 -40.85 3.26 -34.53
C HIS D 68 -40.13 2.56 -35.67
N GLN D 69 -39.47 3.31 -36.55
CA GLN D 69 -38.77 2.69 -37.68
C GLN D 69 -37.77 1.66 -37.18
N VAL D 70 -37.84 0.46 -37.75
N VAL D 70 -37.83 0.47 -37.75
CA VAL D 70 -36.96 -0.63 -37.35
CA VAL D 70 -36.97 -0.64 -37.35
C VAL D 70 -35.70 -0.60 -38.18
C VAL D 70 -35.70 -0.60 -38.18
N PHE D 71 -34.55 -0.77 -37.52
CA PHE D 71 -33.26 -0.92 -38.18
C PHE D 71 -32.80 -2.34 -37.92
N LYS D 72 -32.86 -3.17 -38.97
CA LYS D 72 -32.64 -4.59 -38.81
C LYS D 72 -31.19 -4.90 -38.49
N TRP D 73 -30.99 -5.87 -37.58
CA TRP D 73 -29.67 -6.40 -37.33
C TRP D 73 -29.04 -6.87 -38.64
N ASP D 74 -27.78 -6.50 -38.84
CA ASP D 74 -27.10 -6.83 -40.10
C ASP D 74 -26.59 -8.26 -40.13
N GLY D 75 -26.85 -9.06 -39.09
CA GLY D 75 -26.45 -10.45 -39.05
C GLY D 75 -25.05 -10.70 -38.56
N GLN D 76 -24.28 -9.66 -38.24
CA GLN D 76 -22.94 -9.81 -37.72
C GLN D 76 -23.03 -10.00 -36.21
N THR D 77 -22.67 -11.19 -35.73
CA THR D 77 -22.66 -11.43 -34.29
C THR D 77 -21.58 -10.58 -33.63
N ARG D 78 -21.98 -9.71 -32.73
CA ARG D 78 -21.05 -8.86 -31.99
C ARG D 78 -21.06 -9.28 -30.52
N ASP D 79 -20.03 -8.85 -29.80
CA ASP D 79 -19.83 -9.32 -28.42
C ASP D 79 -20.77 -8.68 -27.41
N ILE D 80 -21.68 -7.81 -27.85
CA ILE D 80 -22.72 -7.25 -27.00
C ILE D 80 -24.04 -7.87 -27.44
N ALA D 81 -24.62 -8.70 -26.59
CA ALA D 81 -25.78 -9.50 -26.98
C ALA D 81 -26.93 -8.61 -27.45
N THR D 82 -27.23 -7.55 -26.71
CA THR D 82 -28.37 -6.72 -27.04
C THR D 82 -28.24 -6.03 -28.40
N TRP D 83 -27.01 -5.96 -28.95
CA TRP D 83 -26.82 -5.40 -30.27
C TRP D 83 -27.23 -6.36 -31.39
N ASN D 84 -27.33 -7.65 -31.09
CA ASN D 84 -27.58 -8.66 -32.11
C ASN D 84 -29.08 -8.93 -32.24
N ARG D 85 -29.82 -7.87 -32.55
CA ARG D 85 -31.27 -7.95 -32.72
C ARG D 85 -31.74 -6.70 -33.44
N ASP D 86 -32.99 -6.71 -33.84
CA ASP D 86 -33.59 -5.52 -34.44
C ASP D 86 -33.78 -4.45 -33.37
N HIS D 87 -33.77 -3.19 -33.81
CA HIS D 87 -33.89 -2.07 -32.88
C HIS D 87 -34.67 -0.95 -33.54
N ASN D 88 -35.32 -0.14 -32.70
CA ASN D 88 -35.82 1.16 -33.09
C ASN D 88 -34.96 2.22 -32.38
N LEU D 89 -35.31 3.50 -32.57
CA LEU D 89 -34.50 4.56 -31.98
C LEU D 89 -34.49 4.46 -30.46
N ILE D 90 -35.63 4.12 -29.85
CA ILE D 90 -35.70 4.05 -28.39
C ILE D 90 -34.79 2.93 -27.88
N THR D 91 -34.90 1.74 -28.46
CA THR D 91 -34.10 0.61 -28.00
C THR D 91 -32.64 0.78 -28.41
N ALA D 92 -32.38 1.43 -29.54
CA ALA D 92 -31.00 1.67 -29.94
C ALA D 92 -30.28 2.57 -28.95
N MET D 93 -30.97 3.58 -28.41
N MET D 93 -30.97 3.61 -28.46
CA MET D 93 -30.35 4.44 -27.41
CA MET D 93 -30.43 4.46 -27.42
C MET D 93 -30.31 3.77 -26.05
C MET D 93 -30.30 3.71 -26.10
N LYS D 94 -31.38 3.05 -25.68
CA LYS D 94 -31.40 2.34 -24.41
C LYS D 94 -30.21 1.38 -24.29
N TYR D 95 -29.90 0.66 -25.35
CA TYR D 95 -28.80 -0.31 -25.34
C TYR D 95 -27.56 0.22 -26.04
N SER D 96 -27.50 1.52 -26.33
CA SER D 96 -26.33 2.16 -26.93
C SER D 96 -25.76 1.30 -28.07
N VAL D 97 -26.59 1.10 -29.09
CA VAL D 97 -26.30 0.16 -30.17
C VAL D 97 -25.46 0.89 -31.21
N VAL D 98 -24.14 0.83 -31.03
CA VAL D 98 -23.21 1.53 -31.92
C VAL D 98 -23.48 1.23 -33.39
N PRO D 99 -23.61 -0.02 -33.83
CA PRO D 99 -23.73 -0.28 -35.28
C PRO D 99 -24.91 0.43 -35.93
N VAL D 100 -26.01 0.62 -35.20
CA VAL D 100 -27.15 1.35 -35.77
C VAL D 100 -26.77 2.79 -36.04
N TYR D 101 -26.07 3.43 -35.09
CA TYR D 101 -25.72 4.83 -35.25
C TYR D 101 -24.59 5.03 -36.24
N GLN D 102 -23.74 4.03 -36.44
CA GLN D 102 -22.74 4.12 -37.50
C GLN D 102 -23.43 4.20 -38.86
N GLU D 103 -24.50 3.42 -39.05
CA GLU D 103 -25.26 3.52 -40.29
C GLU D 103 -25.92 4.88 -40.42
N PHE D 104 -26.49 5.41 -39.34
CA PHE D 104 -26.99 6.79 -39.34
C PHE D 104 -25.94 7.75 -39.87
N ALA D 105 -24.73 7.71 -39.29
CA ALA D 105 -23.70 8.68 -39.63
C ALA D 105 -23.30 8.57 -41.09
N ARG D 106 -23.20 7.35 -41.62
CA ARG D 106 -22.82 7.18 -43.02
C ARG D 106 -23.84 7.82 -43.94
N GLN D 107 -25.13 7.71 -43.61
CA GLN D 107 -26.16 8.32 -44.43
C GLN D 107 -26.23 9.82 -44.22
N ILE D 108 -25.85 10.29 -43.03
CA ILE D 108 -25.73 11.73 -42.79
C ILE D 108 -24.62 12.32 -43.66
N GLY D 109 -23.46 11.69 -43.64
CA GLY D 109 -22.32 12.18 -44.38
C GLY D 109 -21.52 13.21 -43.61
N GLU D 110 -20.23 13.31 -43.97
CA GLU D 110 -19.34 14.22 -43.26
C GLU D 110 -19.80 15.67 -43.35
N ALA D 111 -20.21 16.10 -44.56
CA ALA D 111 -20.51 17.51 -44.76
C ALA D 111 -21.65 17.96 -43.87
N ARG D 112 -22.76 17.22 -43.87
CA ARG D 112 -23.91 17.61 -43.06
C ARG D 112 -23.63 17.39 -41.58
N MET D 113 -22.92 16.33 -41.22
CA MET D 113 -22.54 16.12 -39.83
C MET D 113 -21.75 17.31 -39.30
N SER D 114 -20.75 17.75 -40.07
CA SER D 114 -19.89 18.85 -39.62
C SER D 114 -20.68 20.14 -39.46
N LYS D 115 -21.50 20.48 -40.46
CA LYS D 115 -22.27 21.72 -40.39
C LYS D 115 -23.26 21.71 -39.25
N MET D 116 -23.79 20.54 -38.88
N MET D 116 -23.82 20.54 -38.92
CA MET D 116 -24.79 20.51 -37.82
CA MET D 116 -24.79 20.44 -37.83
C MET D 116 -24.15 20.60 -36.43
C MET D 116 -24.11 20.65 -36.48
N LEU D 117 -22.98 19.98 -36.24
CA LEU D 117 -22.29 20.11 -34.97
C LEU D 117 -21.80 21.54 -34.75
N HIS D 118 -21.49 22.27 -35.83
CA HIS D 118 -21.20 23.69 -35.69
C HIS D 118 -22.44 24.47 -35.27
N ALA D 119 -23.58 24.17 -35.89
CA ALA D 119 -24.84 24.79 -35.49
C ALA D 119 -25.17 24.48 -34.04
N PHE D 120 -24.78 23.29 -33.56
CA PHE D 120 -25.01 22.91 -32.17
C PHE D 120 -24.00 23.52 -31.21
N ASP D 121 -22.93 24.15 -31.70
CA ASP D 121 -21.86 24.64 -30.83
C ASP D 121 -21.31 23.50 -29.98
N TYR D 122 -21.16 22.32 -30.59
CA TYR D 122 -20.92 21.08 -29.87
C TYR D 122 -19.42 20.86 -29.69
N GLY D 123 -18.95 20.95 -28.45
CA GLY D 123 -17.56 20.66 -28.17
C GLY D 123 -16.63 21.44 -29.06
N ASN D 124 -15.57 20.76 -29.53
CA ASN D 124 -14.63 21.38 -30.46
C ASN D 124 -15.09 21.28 -31.91
N GLU D 125 -16.25 20.67 -32.16
CA GLU D 125 -16.88 20.67 -33.48
C GLU D 125 -16.01 20.01 -34.55
N ASP D 126 -15.10 19.12 -34.15
CA ASP D 126 -14.13 18.51 -35.06
C ASP D 126 -14.49 17.05 -35.27
N ILE D 127 -14.94 16.71 -36.47
CA ILE D 127 -15.33 15.34 -36.79
C ILE D 127 -14.23 14.59 -37.54
N SER D 128 -12.99 15.06 -37.46
CA SER D 128 -11.91 14.40 -38.20
C SER D 128 -11.83 12.93 -37.81
N GLY D 129 -11.61 12.08 -38.81
CA GLY D 129 -11.64 10.65 -38.62
C GLY D 129 -12.69 10.00 -39.49
N ASN D 130 -13.06 8.75 -39.17
CA ASN D 130 -14.11 8.08 -39.92
C ASN D 130 -15.46 8.69 -39.56
N VAL D 131 -16.27 8.98 -40.59
CA VAL D 131 -17.57 9.60 -40.32
C VAL D 131 -18.41 8.72 -39.41
N ASP D 132 -18.13 7.41 -39.40
CA ASP D 132 -18.91 6.45 -38.62
C ASP D 132 -18.18 5.99 -37.36
N SER D 133 -17.14 6.71 -36.92
CA SER D 133 -16.50 6.34 -35.66
C SER D 133 -15.74 7.50 -34.99
N PHE D 134 -15.86 8.72 -35.52
CA PHE D 134 -15.05 9.81 -34.99
C PHE D 134 -15.37 10.10 -33.52
N TRP D 135 -16.61 9.83 -33.09
CA TRP D 135 -16.96 10.05 -31.69
C TRP D 135 -16.41 8.97 -30.77
N LEU D 136 -15.82 7.91 -31.31
CA LEU D 136 -15.17 6.87 -30.54
C LEU D 136 -13.66 6.88 -30.62
N ASP D 137 -13.10 7.28 -31.78
CA ASP D 137 -11.65 7.32 -31.93
C ASP D 137 -11.20 8.42 -32.88
N GLY D 138 -12.01 9.46 -33.09
CA GLY D 138 -11.64 10.59 -33.91
C GLY D 138 -11.22 11.80 -33.10
N GLY D 139 -11.36 12.97 -33.70
CA GLY D 139 -10.85 14.21 -33.13
C GLY D 139 -11.84 15.03 -32.34
N ILE D 140 -13.10 14.61 -32.26
CA ILE D 140 -14.11 15.42 -31.58
C ILE D 140 -13.88 15.36 -30.08
N ARG D 141 -14.08 16.50 -29.40
CA ARG D 141 -13.85 16.60 -27.97
C ARG D 141 -14.92 17.50 -27.36
N ILE D 142 -15.35 17.16 -26.15
CA ILE D 142 -16.37 17.94 -25.44
C ILE D 142 -16.16 17.77 -23.95
N SER D 143 -16.39 18.85 -23.20
CA SER D 143 -16.28 18.84 -21.74
C SER D 143 -17.65 18.69 -21.10
N ALA D 144 -17.63 18.39 -19.79
CA ALA D 144 -18.87 18.25 -19.03
C ALA D 144 -19.71 19.51 -19.08
N THR D 145 -19.09 20.67 -18.83
CA THR D 145 -19.84 21.92 -18.88
C THR D 145 -20.40 22.18 -20.26
N GLU D 146 -19.67 21.77 -21.30
CA GLU D 146 -20.17 21.92 -22.67
C GLU D 146 -21.34 20.97 -22.94
N GLN D 147 -21.33 19.79 -22.31
CA GLN D 147 -22.47 18.89 -22.41
C GLN D 147 -23.72 19.56 -21.84
N ILE D 148 -23.60 20.14 -20.65
CA ILE D 148 -24.73 20.83 -20.03
C ILE D 148 -25.22 21.97 -20.91
N SER D 149 -24.28 22.76 -21.44
N SER D 149 -24.28 22.76 -21.43
CA SER D 149 -24.65 23.84 -22.35
CA SER D 149 -24.65 23.84 -22.35
C SER D 149 -25.46 23.30 -23.52
C SER D 149 -25.46 23.30 -23.52
N PHE D 150 -25.05 22.17 -24.08
CA PHE D 150 -25.77 21.58 -25.20
C PHE D 150 -27.14 21.04 -24.75
N LEU D 151 -27.18 20.37 -23.60
CA LEU D 151 -28.43 19.79 -23.12
C LEU D 151 -29.46 20.85 -22.80
N ARG D 152 -29.04 21.98 -22.23
CA ARG D 152 -29.98 23.05 -21.92
C ARG D 152 -30.69 23.53 -23.18
N LYS D 153 -29.95 23.67 -24.27
CA LYS D 153 -30.57 24.04 -25.54
C LYS D 153 -31.60 22.99 -25.97
N LEU D 154 -31.23 21.71 -25.88
CA LEU D 154 -32.16 20.64 -26.24
C LEU D 154 -33.41 20.69 -25.36
N TYR D 155 -33.21 20.86 -24.04
CA TYR D 155 -34.36 20.90 -23.14
C TYR D 155 -35.34 21.99 -23.54
N HIS D 156 -34.83 23.16 -23.93
CA HIS D 156 -35.67 24.29 -24.29
C HIS D 156 -36.05 24.30 -25.77
N ASN D 157 -35.74 23.23 -26.49
CA ASN D 157 -36.04 23.14 -27.93
C ASN D 157 -35.35 24.26 -28.71
N LYS D 158 -34.17 24.68 -28.26
CA LYS D 158 -33.48 25.81 -28.87
C LYS D 158 -32.37 25.41 -29.85
N LEU D 159 -32.10 24.12 -30.02
CA LEU D 159 -31.14 23.71 -31.03
C LEU D 159 -31.71 23.96 -32.42
N HIS D 160 -30.82 24.08 -33.40
CA HIS D 160 -31.21 24.43 -34.75
C HIS D 160 -31.61 23.18 -35.54
N VAL D 161 -32.63 22.52 -35.00
CA VAL D 161 -33.38 21.47 -35.66
C VAL D 161 -34.84 21.67 -35.27
N SER D 162 -35.73 20.95 -35.93
CA SER D 162 -37.15 21.14 -35.69
C SER D 162 -37.51 20.76 -34.26
N GLU D 163 -38.60 21.35 -33.75
CA GLU D 163 -39.08 20.99 -32.43
C GLU D 163 -39.38 19.50 -32.35
N ARG D 164 -39.99 18.95 -33.39
CA ARG D 164 -40.33 17.52 -33.39
C ARG D 164 -39.09 16.67 -33.13
N SER D 165 -38.00 16.92 -33.86
CA SER D 165 -36.79 16.14 -33.69
C SER D 165 -36.30 16.21 -32.25
N GLN D 166 -36.40 17.38 -31.63
CA GLN D 166 -35.93 17.53 -30.25
C GLN D 166 -36.85 16.80 -29.28
N ARG D 167 -38.16 16.86 -29.51
CA ARG D 167 -39.09 16.12 -28.66
C ARG D 167 -38.85 14.61 -28.75
N ILE D 168 -38.62 14.10 -29.96
CA ILE D 168 -38.45 12.66 -30.13
C ILE D 168 -37.20 12.18 -29.40
N VAL D 169 -36.09 12.92 -29.54
CA VAL D 169 -34.85 12.50 -28.89
C VAL D 169 -35.00 12.54 -27.38
N LYS D 170 -35.69 13.56 -26.85
CA LYS D 170 -35.90 13.63 -25.41
C LYS D 170 -36.75 12.46 -24.92
N GLN D 171 -37.72 12.02 -25.72
CA GLN D 171 -38.42 10.78 -25.40
C GLN D 171 -37.45 9.61 -25.34
N ALA D 172 -36.61 9.46 -26.37
CA ALA D 172 -35.66 8.35 -26.39
C ALA D 172 -34.64 8.44 -25.27
N MET D 173 -34.42 9.62 -24.72
CA MET D 173 -33.49 9.78 -23.61
C MET D 173 -34.08 9.35 -22.28
N LEU D 174 -35.39 9.13 -22.22
CA LEU D 174 -36.05 8.76 -20.96
C LEU D 174 -35.35 7.57 -20.32
N THR D 175 -34.92 7.74 -19.08
CA THR D 175 -34.15 6.74 -18.37
C THR D 175 -34.83 6.24 -17.12
N GLU D 176 -35.43 7.13 -16.34
CA GLU D 176 -36.07 6.75 -15.09
C GLU D 176 -37.16 7.77 -14.78
N ALA D 177 -38.28 7.29 -14.24
CA ALA D 177 -39.37 8.17 -13.88
C ALA D 177 -40.17 7.53 -12.76
N ASN D 178 -40.45 8.32 -11.73
CA ASN D 178 -41.30 7.89 -10.62
C ASN D 178 -42.05 9.11 -10.11
N GLY D 179 -42.70 8.97 -8.95
CA GLY D 179 -43.47 10.06 -8.39
C GLY D 179 -42.66 11.27 -7.97
N ASP D 180 -41.34 11.14 -7.88
CA ASP D 180 -40.48 12.21 -7.39
C ASP D 180 -39.67 12.91 -8.46
N TYR D 181 -39.24 12.22 -9.51
CA TYR D 181 -38.41 12.85 -10.52
C TYR D 181 -38.47 12.06 -11.82
N ILE D 182 -38.00 12.71 -12.89
CA ILE D 182 -37.79 12.10 -14.20
C ILE D 182 -36.34 12.36 -14.59
N ILE D 183 -35.65 11.33 -15.09
CA ILE D 183 -34.29 11.47 -15.58
C ILE D 183 -34.29 11.17 -17.07
N ARG D 184 -33.79 12.12 -17.85
CA ARG D 184 -33.49 11.91 -19.27
C ARG D 184 -31.99 12.10 -19.42
N ALA D 185 -31.31 11.07 -19.94
CA ALA D 185 -29.86 11.04 -19.91
C ALA D 185 -29.36 10.02 -20.91
N LYS D 186 -28.03 10.02 -21.11
CA LYS D 186 -27.36 9.07 -21.98
C LYS D 186 -26.02 8.70 -21.38
N THR D 187 -25.71 7.41 -21.39
CA THR D 187 -24.42 6.91 -20.91
C THR D 187 -23.38 6.94 -22.04
N GLY D 188 -22.12 6.88 -21.63
CA GLY D 188 -21.03 6.79 -22.59
C GLY D 188 -19.89 6.02 -22.00
N TYR D 189 -19.16 5.32 -22.88
CA TYR D 189 -18.00 4.53 -22.47
C TYR D 189 -16.95 4.67 -23.56
N SER D 190 -15.89 5.43 -23.29
CA SER D 190 -14.83 5.67 -24.26
C SER D 190 -13.67 4.74 -23.93
N THR D 191 -13.40 3.80 -24.84
CA THR D 191 -12.39 2.77 -24.63
C THR D 191 -11.32 2.71 -25.71
N ARG D 192 -11.54 3.32 -26.86
CA ARG D 192 -10.63 3.11 -28.00
C ARG D 192 -9.38 3.96 -27.91
N ILE D 193 -9.42 5.07 -27.18
CA ILE D 193 -8.28 5.96 -27.02
C ILE D 193 -8.19 6.38 -25.56
N GLU D 194 -6.97 6.38 -25.02
CA GLU D 194 -6.78 6.75 -23.64
C GLU D 194 -7.05 8.25 -23.46
N PRO D 195 -7.52 8.66 -22.27
CA PRO D 195 -7.84 7.81 -21.12
C PRO D 195 -9.24 7.19 -21.21
N LYS D 196 -9.38 5.95 -20.75
CA LYS D 196 -10.69 5.31 -20.73
C LYS D 196 -11.55 5.97 -19.66
N ILE D 197 -12.73 6.46 -20.06
CA ILE D 197 -13.62 7.18 -19.16
C ILE D 197 -15.04 6.69 -19.38
N GLY D 198 -15.88 6.93 -18.37
CA GLY D 198 -17.31 6.73 -18.49
C GLY D 198 -18.02 8.07 -18.41
N TRP D 199 -19.12 8.19 -19.16
CA TRP D 199 -19.96 9.38 -19.16
C TRP D 199 -21.33 9.08 -18.58
N TRP D 200 -21.96 10.11 -18.03
CA TRP D 200 -23.41 10.12 -17.86
C TRP D 200 -23.85 11.58 -17.89
N VAL D 201 -24.69 11.94 -18.86
CA VAL D 201 -25.10 13.32 -19.06
C VAL D 201 -26.62 13.35 -19.23
N GLY D 202 -27.25 14.41 -18.73
CA GLY D 202 -28.67 14.57 -18.87
C GLY D 202 -29.24 15.59 -17.92
N TRP D 203 -30.46 15.36 -17.44
CA TRP D 203 -31.05 16.27 -16.47
C TRP D 203 -32.09 15.53 -15.64
N VAL D 204 -32.41 16.13 -14.49
CA VAL D 204 -33.41 15.63 -13.57
C VAL D 204 -34.55 16.62 -13.53
N GLU D 205 -35.76 16.16 -13.86
CA GLU D 205 -36.94 17.00 -13.86
C GLU D 205 -37.66 16.88 -12.52
N LEU D 206 -37.89 18.01 -11.87
CA LEU D 206 -38.70 18.08 -10.66
C LEU D 206 -39.97 18.87 -10.94
N ASP D 207 -40.85 18.91 -9.94
CA ASP D 207 -42.12 19.61 -10.11
C ASP D 207 -41.90 21.06 -10.51
N ASP D 208 -40.93 21.74 -9.90
CA ASP D 208 -40.75 23.17 -10.06
C ASP D 208 -39.30 23.55 -10.39
N ASN D 209 -38.51 22.63 -10.92
CA ASN D 209 -37.12 22.93 -11.27
C ASN D 209 -36.56 21.78 -12.07
N VAL D 210 -35.46 22.04 -12.76
N VAL D 210 -35.45 22.05 -12.75
CA VAL D 210 -34.75 21.03 -13.53
CA VAL D 210 -34.73 21.06 -13.55
C VAL D 210 -33.26 21.16 -13.23
C VAL D 210 -33.25 21.18 -13.21
N TRP D 211 -32.64 20.05 -12.85
CA TRP D 211 -31.21 20.00 -12.56
C TRP D 211 -30.52 19.26 -13.70
N PHE D 212 -29.74 19.99 -14.49
CA PHE D 212 -28.91 19.35 -15.49
C PHE D 212 -27.65 18.82 -14.83
N PHE D 213 -27.15 17.70 -15.35
CA PHE D 213 -25.94 17.10 -14.81
C PHE D 213 -25.09 16.55 -15.94
N ALA D 214 -23.78 16.49 -15.69
CA ALA D 214 -22.84 15.88 -16.62
C ALA D 214 -21.67 15.36 -15.78
N MET D 215 -21.37 14.07 -15.92
CA MET D 215 -20.31 13.46 -15.12
C MET D 215 -19.46 12.57 -16.01
N ASN D 216 -18.16 12.56 -15.75
CA ASN D 216 -17.29 11.54 -16.31
C ASN D 216 -16.32 11.10 -15.23
N MET D 217 -15.75 9.91 -15.43
CA MET D 217 -14.89 9.30 -14.43
C MET D 217 -13.96 8.33 -15.12
N ASP D 218 -12.75 8.18 -14.57
CA ASP D 218 -11.83 7.19 -15.11
C ASP D 218 -12.45 5.80 -15.01
N MET D 219 -12.28 5.01 -16.06
CA MET D 219 -12.97 3.72 -16.20
C MET D 219 -12.01 2.71 -16.83
N PRO D 220 -11.03 2.24 -16.06
CA PRO D 220 -10.06 1.30 -16.63
C PRO D 220 -10.66 -0.03 -17.04
N THR D 221 -11.80 -0.42 -16.46
CA THR D 221 -12.47 -1.66 -16.84
C THR D 221 -13.98 -1.45 -16.81
N SER D 222 -14.68 -2.29 -17.57
CA SER D 222 -16.14 -2.23 -17.65
C SER D 222 -16.80 -2.58 -16.32
N ASP D 223 -16.06 -3.09 -15.35
CA ASP D 223 -16.66 -3.51 -14.08
C ASP D 223 -17.26 -2.33 -13.32
N GLY D 224 -16.74 -1.12 -13.54
CA GLY D 224 -17.17 0.05 -12.81
C GLY D 224 -18.23 0.90 -13.46
N LEU D 225 -18.86 0.42 -14.55
CA LEU D 225 -19.79 1.26 -15.28
C LEU D 225 -20.95 1.70 -14.41
N GLY D 226 -21.44 0.82 -13.53
CA GLY D 226 -22.53 1.19 -12.64
C GLY D 226 -22.22 2.36 -11.74
N LEU D 227 -20.93 2.69 -11.57
CA LEU D 227 -20.55 3.82 -10.73
C LEU D 227 -20.94 5.15 -11.34
N ARG D 228 -21.09 5.21 -12.67
CA ARG D 228 -21.52 6.45 -13.32
C ARG D 228 -22.85 6.93 -12.75
N GLN D 229 -23.85 6.04 -12.72
CA GLN D 229 -25.15 6.40 -12.17
C GLN D 229 -25.10 6.46 -10.65
N ALA D 230 -24.41 5.51 -10.01
CA ALA D 230 -24.42 5.43 -8.55
C ALA D 230 -23.79 6.66 -7.93
N ILE D 231 -22.62 7.08 -8.42
CA ILE D 231 -21.96 8.26 -7.88
C ILE D 231 -22.81 9.50 -8.15
N THR D 232 -23.35 9.62 -9.36
CA THR D 232 -24.21 10.76 -9.67
C THR D 232 -25.36 10.86 -8.68
N LYS D 233 -26.02 9.73 -8.40
CA LYS D 233 -27.16 9.74 -7.49
C LYS D 233 -26.75 10.04 -6.06
N GLU D 234 -25.56 9.60 -5.64
CA GLU D 234 -25.07 9.95 -4.31
C GLU D 234 -24.92 11.46 -4.17
N VAL D 235 -24.42 12.12 -5.21
CA VAL D 235 -24.32 13.58 -5.19
C VAL D 235 -25.71 14.19 -5.19
N LEU D 236 -26.61 13.68 -6.04
CA LEU D 236 -27.97 14.22 -6.07
C LEU D 236 -28.65 14.11 -4.72
N LYS D 237 -28.51 12.96 -4.06
CA LYS D 237 -29.08 12.79 -2.72
C LYS D 237 -28.48 13.77 -1.74
N GLN D 238 -27.15 13.89 -1.73
CA GLN D 238 -26.47 14.78 -0.79
C GLN D 238 -27.00 16.20 -0.88
N GLU D 239 -27.22 16.69 -2.10
CA GLU D 239 -27.73 18.05 -2.32
C GLU D 239 -29.25 18.15 -2.18
N LYS D 240 -29.91 17.14 -1.63
CA LYS D 240 -31.36 17.19 -1.41
C LYS D 240 -32.14 17.40 -2.71
N ILE D 241 -31.61 16.90 -3.82
CA ILE D 241 -32.33 17.01 -5.09
C ILE D 241 -33.26 15.80 -5.29
N ILE D 242 -32.83 14.62 -4.89
CA ILE D 242 -33.70 13.44 -4.91
C ILE D 242 -33.63 12.77 -3.54
N PRO D 243 -34.67 12.00 -3.17
CA PRO D 243 -34.66 11.31 -1.87
C PRO D 243 -33.56 10.25 -1.78
C Q2R E . 17.55 -3.85 -4.99
O Q2R E . 17.67 -5.05 -4.99
C1 Q2R E . 19.29 -3.68 -3.40
C10 Q2R E . 17.53 -6.79 -8.46
C11 Q2R E . 18.76 -7.15 -9.25
C12 Q2R E . 16.59 -7.75 -8.11
C13 Q2R E . 15.45 -7.40 -7.41
C14 Q2R E . 15.24 -6.09 -7.04
C2 Q2R E . 16.58 -3.09 -5.84
C3 Q2R E . 16.34 -1.76 -5.51
C4 Q2R E . 15.48 -1.01 -6.29
C5 Q2R E . 14.85 -1.57 -7.38
C6 Q2R E . 15.09 -2.90 -7.71
C7 Q2R E . 15.96 -3.68 -6.95
C8 Q2R E . 16.17 -5.10 -7.36
C9 Q2R E . 17.32 -5.46 -8.06
O1 Q2R E . 18.27 -3.05 -4.22
O2 Q2R E . 18.70 -7.00 -10.50
O3 Q2R E . 19.76 -7.57 -8.63
H2 Q2R E . 19.43 -3.13 -2.47
H Q2R E . 20.17 -3.64 -4.02
H1 Q2R E . 19.03 -4.72 -3.17
H8 Q2R E . 16.76 -8.79 -8.41
H9 Q2R E . 14.72 -8.16 -7.15
H10 Q2R E . 14.34 -5.82 -6.48
H3 Q2R E . 16.83 -1.31 -4.66
H4 Q2R E . 15.29 0.03 -6.03
H5 Q2R E . 14.18 -0.97 -7.99
H6 Q2R E . 14.60 -3.34 -8.58
H7 Q2R E . 18.05 -4.71 -8.33
C Q2R F . 19.02 8.81 3.60
O Q2R F . 18.60 8.52 4.69
C1 Q2R F . 20.50 6.95 3.66
C10 Q2R F . 17.56 12.29 6.82
C11 Q2R F . 16.34 12.55 7.66
C12 Q2R F . 18.84 12.57 7.31
C13 Q2R F . 19.95 12.34 6.51
C14 Q2R F . 19.81 11.86 5.23
C2 Q2R F . 18.52 9.93 2.77
C3 Q2R F . 18.24 9.66 1.43
C4 Q2R F . 17.84 10.68 0.58
C5 Q2R F . 17.70 11.96 1.06
C6 Q2R F . 17.97 12.24 2.38
C7 Q2R F . 18.36 11.24 3.27
C8 Q2R F . 18.54 11.60 4.71
C9 Q2R F . 17.43 11.80 5.52
O1 Q2R F . 19.98 8.12 2.98
O2 Q2R F . 16.25 11.93 8.75
O3 Q2R F . 15.50 13.37 7.23
H2 Q2R F . 21.44 7.16 4.15
H Q2R F . 20.64 6.23 2.84
H1 Q2R F . 19.79 6.55 4.39
H8 Q2R F . 18.94 12.95 8.32
H9 Q2R F . 20.95 12.54 6.91
H10 Q2R F . 20.69 11.68 4.62
H3 Q2R F . 18.34 8.64 1.05
H4 Q2R F . 17.63 10.46 -0.46
H5 Q2R F . 17.40 12.76 0.39
H6 Q2R F . 17.87 13.26 2.76
H7 Q2R F . 16.44 11.57 5.15
CL CL G . 19.06 25.67 24.05
C Q2R H . -8.98 -22.79 13.02
O Q2R H . -10.01 -22.22 12.78
C1 Q2R H . -7.89 -21.50 11.38
C10 Q2R H . -11.92 -21.06 15.70
C11 Q2R H . -11.74 -19.59 15.97
C12 Q2R H . -13.20 -21.62 15.65
C13 Q2R H . -13.36 -22.96 15.40
C14 Q2R H . -12.26 -23.78 15.19
C2 Q2R H . -8.82 -23.88 14.04
C3 Q2R H . -7.69 -24.69 13.93
C4 Q2R H . -7.51 -25.72 14.83
C5 Q2R H . -8.44 -25.97 15.81
C6 Q2R H . -9.57 -25.17 15.92
C7 Q2R H . -9.77 -24.11 15.04
C8 Q2R H . -10.97 -23.24 15.25
C9 Q2R H . -10.82 -21.89 15.50
O1 Q2R H . -7.84 -22.52 12.40
O2 Q2R H . -12.02 -18.78 15.05
O3 Q2R H . -11.29 -19.26 17.09
H2 Q2R H . -6.90 -21.15 11.10
H Q2R H . -8.46 -20.69 11.85
H1 Q2R H . -8.42 -21.85 10.48
H8 Q2R H . -14.06 -20.97 15.81
H9 Q2R H . -14.36 -23.41 15.36
H10 Q2R H . -12.39 -24.84 14.99
H3 Q2R H . -6.95 -24.50 13.16
H4 Q2R H . -6.61 -26.35 14.75
H5 Q2R H . -8.29 -26.80 16.51
H6 Q2R H . -10.30 -25.37 16.69
H7 Q2R H . -9.83 -21.44 15.54
CL CL I . -30.65 -11.24 15.90
C Q2R J . -19.05 -0.65 -25.19
O Q2R J . -19.93 0.17 -25.23
C1 Q2R J . -18.09 0.26 -27.14
C10 Q2R J . -22.60 0.57 -22.31
C11 Q2R J . -22.72 1.84 -21.50
C12 Q2R J . -23.71 0.01 -22.91
C13 Q2R J . -23.59 -1.17 -23.62
C14 Q2R J . -22.36 -1.78 -23.75
C2 Q2R J . -18.91 -1.69 -24.13
C3 Q2R J . -17.72 -2.41 -24.11
C4 Q2R J . -17.52 -3.39 -23.15
C5 Q2R J . -18.50 -3.65 -22.22
C6 Q2R J . -19.69 -2.94 -22.23
C7 Q2R J . -19.91 -1.95 -23.19
C8 Q2R J . -21.23 -1.24 -23.15
C9 Q2R J . -21.36 -0.05 -22.44
O1 Q2R J . -18.06 -0.72 -26.08
O2 Q2R J . -23.47 1.81 -20.49
O3 Q2R J . -22.06 2.85 -21.87
H2 Q2R J . -17.54 -0.08 -28.02
H Q2R J . -17.58 1.12 -26.70
H1 Q2R J . -19.10 0.54 -27.42
H8 Q2R J . -24.68 0.49 -22.80
H9 Q2R J . -24.47 -1.62 -24.09
H10 Q2R J . -22.27 -2.71 -24.32
H3 Q2R J . -16.94 -2.21 -24.85
H4 Q2R J . -16.59 -3.95 -23.13
H5 Q2R J . -18.34 -4.43 -21.46
H6 Q2R J . -20.45 -3.16 -21.49
H7 Q2R J . -20.49 0.41 -21.99
C1 EDO K . -39.20 -0.02 -23.13
O1 EDO K . -38.35 0.07 -21.98
C2 EDO K . -38.47 0.53 -24.36
O2 EDO K . -39.37 0.59 -25.48
H11 EDO K . -39.48 -1.06 -23.31
H12 EDO K . -40.11 0.55 -22.96
HO1 EDO K . -38.82 -0.28 -21.21
H21 EDO K . -38.09 1.53 -24.14
H22 EDO K . -37.62 -0.11 -24.61
HO2 EDO K . -38.90 0.94 -26.25
#